data_4C0U
#
_entry.id   4C0U
#
_cell.length_a   1.000
_cell.length_b   1.000
_cell.length_c   1.000
_cell.angle_alpha   90.00
_cell.angle_beta   90.00
_cell.angle_gamma   90.00
#
_symmetry.space_group_name_H-M   'P 1'
#
loop_
_entity.id
_entity.type
_entity.pdbx_description
1 polymer VP1
2 polymer VP2
3 polymer VP3
4 polymer 'FAB EV18 4 D6-1 F1 G9'
5 polymer 'FAB EV18 4 D6-1 F1 G9'
#
loop_
_entity_poly.entity_id
_entity_poly.type
_entity_poly.pdbx_seq_one_letter_code
_entity_poly.pdbx_strand_id
1 'polypeptide(L)'
;GDRVADVIESSIGDSVSRALTQALPAPTGQNTQVSSHRLDTGEVPALQAAEIGASSNTSDESMIETRCVLNSHSTAETTL
DSFFSRAGLVGEIDLPLEGTTNPNGYANWDIDITGYAQMRRKVELFTYMRFDAEFTFVACTPTGQVVPQLLQYMFVPPGA
PKPESRESLAWQTATNPSVFVKLTDPPAQVSVPFMSPASAYQWFYDGYPTFGEHKQEKDLEYGACPNNMMGTFSVRNVGS
SKSKYPLVVRIYMRMKHVRAWIPRPMRNQNYLFKANPNYAGNSIKPTGTSRTAITTLG
;
A
2 'polypeptide(L)'
;SPSAEACGYSDRVAQLTIGNSTITTQEAANIIVGYGEWPSYCSDDDATAVDKPTRPDVSVNRFYTLDTKLWEKSSKGWYW
KFPDVLTETGVFGQNAQFHYLYRSGFCIHVQCNASKFHQGALLVAILPEYVIGTVAGGTGTEDSHPPYKQTQPGADGFEL
QHPYVLDAGIPISQLTVCPHQWINLRTNNCATIIVPYMNTLPFDSALNHCNFGLLVVPISPLDFDQGATPVIPITITLAP
MCSEFAGLRQAVTQ
;
B
3 'polypeptide(L)'
;GFPTEPKPGTNQFLTTDDGVSAPILPNFHPTPCIHIPGEVRNLLELCQVETILEVNNVPTNATSLMERLRFPVSAQAGKG
ELCAVFRADPGRDGPWQSTMLGQLCGYYTQWSGSLEVTFMFTGSFMATGKMLIAYTPPGGPLPKDRATAMLGTHVIWDFG
LQSSVTLVIPWISNTHYRAHARDGVFDYYTTGLVSIWYQTNYVVPIGAPNTAYIIALAAAQKNFTMKLCKDTSHILQTAS
IQ
;
C
4 'polypeptide(L)'
;(UNK)(UNK)(UNK)(UNK)(UNK)(UNK)(UNK)(UNK)(UNK)(UNK)(UNK)(UNK)(UNK)(UNK)(UNK)(UNK)
(UNK)(UNK)(UNK)(UNK)(UNK)(UNK)(UNK)(UNK)(UNK)(UNK)(UNK)(UNK)(UNK)(UNK)(UNK)(UNK)
(UNK)(UNK)(UNK)(UNK)(UNK)(UNK)(UNK)(UNK)(UNK)(UNK)(UNK)(UNK)(UNK)(UNK)(UNK)(UNK)
(UNK)(UNK)(UNK)(UNK)(UNK)(UNK)(UNK)(UNK)(UNK)(UNK)(UNK)(UNK)(UNK)(UNK)(UNK)(UNK)
(UNK)(UNK)(UNK)(UNK)(UNK)(UNK)(UNK)(UNK)(UNK)(UNK)(UNK)(UNK)(UNK)(UNK)(UNK)(UNK)
(UNK)(UNK)(UNK)(UNK)(UNK)(UNK)(UNK)(UNK)(UNK)(UNK)(UNK)(UNK)(UNK)(UNK)(UNK)(UNK)
(UNK)(UNK)(UNK)(UNK)(UNK)(UNK)(UNK)(UNK)(UNK)(UNK)(UNK)(UNK)(UNK)(UNK)(UNK)(UNK)
(UNK)(UNK)(UNK)(UNK)(UNK)(UNK)(UNK)(UNK)(UNK)(UNK)(UNK)(UNK)(UNK)(UNK)(UNK)(UNK)
(UNK)(UNK)(UNK)(UNK)(UNK)(UNK)(UNK)(UNK)(UNK)(UNK)(UNK)(UNK)(UNK)(UNK)(UNK)(UNK)
(UNK)(UNK)(UNK)(UNK)(UNK)(UNK)(UNK)(UNK)(UNK)(UNK)(UNK)(UNK)(UNK)(UNK)(UNK)(UNK)
(UNK)(UNK)(UNK)(UNK)(UNK)(UNK)(UNK)(UNK)(UNK)(UNK)(UNK)(UNK)(UNK)(UNK)(UNK)(UNK)
(UNK)(UNK)(UNK)(UNK)(UNK)(UNK)(UNK)(UNK)(UNK)(UNK)(UNK)(UNK)(UNK)(UNK)(UNK)(UNK)
(UNK)(UNK)(UNK)(UNK)(UNK)(UNK)(UNK)(UNK)(UNK)(UNK)(UNK)(UNK)(UNK)(UNK)(UNK)(UNK)
(UNK)(UNK)(UNK)(UNK)(UNK)(UNK)(UNK)(UNK)(UNK)
;
Y
5 'polypeptide(L)'
;(UNK)(UNK)(UNK)(UNK)(UNK)(UNK)(UNK)(UNK)(UNK)(UNK)(UNK)(UNK)(UNK)(UNK)(UNK)(UNK)
(UNK)(UNK)(UNK)(UNK)(UNK)(UNK)(UNK)(UNK)(UNK)(UNK)(UNK)(UNK)(UNK)(UNK)(UNK)(UNK)
(UNK)(UNK)(UNK)(UNK)(UNK)(UNK)(UNK)(UNK)(UNK)(UNK)(UNK)(UNK)(UNK)(UNK)(UNK)(UNK)
(UNK)(UNK)(UNK)(UNK)(UNK)(UNK)(UNK)(UNK)(UNK)(UNK)(UNK)(UNK)(UNK)(UNK)(UNK)(UNK)
(UNK)(UNK)(UNK)(UNK)(UNK)(UNK)(UNK)(UNK)(UNK)(UNK)(UNK)(UNK)(UNK)(UNK)(UNK)(UNK)
(UNK)(UNK)(UNK)(UNK)(UNK)(UNK)(UNK)(UNK)(UNK)(UNK)(UNK)(UNK)(UNK)(UNK)(UNK)(UNK)
(UNK)(UNK)(UNK)(UNK)(UNK)(UNK)(UNK)(UNK)(UNK)(UNK)(UNK)(UNK)(UNK)(UNK)(UNK)(UNK)
(UNK)(UNK)(UNK)(UNK)(UNK)(UNK)(UNK)(UNK)(UNK)(UNK)(UNK)(UNK)(UNK)(UNK)(UNK)(UNK)
(UNK)(UNK)(UNK)(UNK)(UNK)(UNK)(UNK)(UNK)(UNK)(UNK)(UNK)(UNK)(UNK)(UNK)(UNK)(UNK)
(UNK)(UNK)(UNK)(UNK)(UNK)(UNK)(UNK)(UNK)(UNK)(UNK)(UNK)(UNK)(UNK)(UNK)(UNK)(UNK)
(UNK)(UNK)(UNK)(UNK)(UNK)(UNK)(UNK)(UNK)(UNK)(UNK)(UNK)(UNK)(UNK)(UNK)(UNK)(UNK)
(UNK)(UNK)(UNK)(UNK)(UNK)(UNK)(UNK)(UNK)(UNK)(UNK)(UNK)(UNK)(UNK)(UNK)(UNK)(UNK)
(UNK)(UNK)(UNK)(UNK)(UNK)(UNK)(UNK)(UNK)(UNK)(UNK)(UNK)(UNK)(UNK)(UNK)(UNK)(UNK)
(UNK)(UNK)(UNK)(UNK)(UNK)(UNK)(UNK)(UNK)(UNK)(UNK)(UNK)(UNK)
;
Z
#
# COMPACT_ATOMS: atom_id res chain seq x y z
N HIS A 73 13.29 18.20 -32.71
CA HIS A 73 12.46 18.86 -31.71
C HIS A 73 13.37 19.68 -30.81
N SER A 74 13.08 20.98 -30.69
CA SER A 74 13.91 21.87 -29.89
C SER A 74 13.81 21.65 -28.38
N THR A 75 14.91 21.94 -27.69
CA THR A 75 14.97 21.80 -26.24
C THR A 75 15.08 23.19 -25.62
N ALA A 76 14.80 24.21 -26.41
CA ALA A 76 14.91 25.59 -25.95
C ALA A 76 13.86 26.03 -24.93
N GLU A 77 12.65 25.50 -25.00
CA GLU A 77 11.63 25.94 -24.07
C GLU A 77 11.74 25.37 -22.66
N THR A 78 12.76 24.56 -22.42
CA THR A 78 12.93 23.99 -21.09
C THR A 78 14.18 24.53 -20.39
N THR A 79 14.72 25.62 -20.93
CA THR A 79 15.90 26.23 -20.32
C THR A 79 15.36 26.95 -19.09
N LEU A 80 16.24 27.35 -18.17
CA LEU A 80 15.74 28.04 -16.98
C LEU A 80 15.06 29.35 -17.30
N ASP A 81 15.60 30.10 -18.25
CA ASP A 81 14.98 31.38 -18.61
C ASP A 81 13.59 31.20 -19.20
N SER A 82 13.40 30.20 -20.06
CA SER A 82 12.09 29.98 -20.65
C SER A 82 11.07 29.63 -19.56
N PHE A 83 11.51 28.81 -18.62
CA PHE A 83 10.67 28.36 -17.53
C PHE A 83 10.30 29.46 -16.53
N PHE A 84 11.29 30.22 -16.08
CA PHE A 84 11.05 31.26 -15.08
C PHE A 84 10.75 32.67 -15.56
N SER A 85 11.09 32.99 -16.80
CA SER A 85 10.86 34.33 -17.31
C SER A 85 9.41 34.55 -17.76
N ARG A 86 8.51 34.49 -16.78
CA ARG A 86 7.08 34.69 -16.98
C ARG A 86 6.58 35.37 -15.71
N ALA A 87 6.05 36.58 -15.85
CA ALA A 87 5.56 37.33 -14.72
C ALA A 87 4.42 36.63 -14.01
N GLY A 88 4.49 36.60 -12.68
CA GLY A 88 3.45 35.97 -11.88
C GLY A 88 3.22 36.78 -10.63
N LEU A 89 2.03 36.65 -10.04
CA LEU A 89 1.69 37.39 -8.84
C LEU A 89 2.53 36.94 -7.64
N VAL A 90 3.15 37.90 -6.95
CA VAL A 90 3.96 37.60 -5.78
C VAL A 90 3.60 38.49 -4.59
N GLY A 91 2.83 39.54 -4.86
CA GLY A 91 2.43 40.45 -3.80
C GLY A 91 1.10 41.11 -4.10
N GLU A 92 0.42 41.54 -3.05
CA GLU A 92 -0.88 42.19 -3.19
C GLU A 92 -1.03 43.13 -2.00
N ILE A 93 -1.19 44.43 -2.28
CA ILE A 93 -1.31 45.42 -1.23
C ILE A 93 -2.64 46.16 -1.27
N ASP A 94 -3.31 46.24 -0.12
CA ASP A 94 -4.59 46.91 -0.01
C ASP A 94 -4.48 48.28 0.65
N LEU A 95 -5.14 49.28 0.06
CA LEU A 95 -5.15 50.64 0.60
C LEU A 95 -6.60 51.11 0.63
N PRO A 96 -7.42 50.52 1.53
CA PRO A 96 -8.83 50.86 1.66
C PRO A 96 -9.07 52.22 2.30
N LEU A 97 -10.31 52.68 2.25
CA LEU A 97 -10.69 53.95 2.83
C LEU A 97 -10.93 53.77 4.32
N GLU A 98 -11.75 52.78 4.66
CA GLU A 98 -12.08 52.48 6.04
C GLU A 98 -11.81 51.00 6.33
N GLY A 99 -11.17 50.73 7.47
CA GLY A 99 -10.86 49.37 7.84
C GLY A 99 -9.75 49.32 8.87
N THR A 100 -9.15 48.15 9.02
CA THR A 100 -8.06 47.96 9.98
C THR A 100 -6.78 47.55 9.25
N THR A 101 -6.83 47.56 7.93
CA THR A 101 -5.69 47.19 7.10
C THR A 101 -5.20 48.37 6.25
N ASN A 102 -4.17 49.06 6.74
CA ASN A 102 -3.59 50.21 6.03
C ASN A 102 -4.65 51.25 5.66
N PRO A 103 -5.36 51.79 6.66
CA PRO A 103 -6.40 52.80 6.43
C PRO A 103 -5.91 54.24 6.43
N ASN A 104 -4.60 54.43 6.59
CA ASN A 104 -4.03 55.77 6.64
C ASN A 104 -3.36 56.22 5.34
N GLY A 105 -3.72 55.57 4.25
CA GLY A 105 -3.18 55.93 2.95
C GLY A 105 -1.76 55.50 2.61
N TYR A 106 -1.24 54.49 3.30
CA TYR A 106 0.11 54.02 3.02
C TYR A 106 0.22 52.57 3.46
N ALA A 107 1.22 51.87 2.95
CA ALA A 107 1.42 50.47 3.31
C ALA A 107 2.87 50.07 3.13
N ASN A 108 3.31 49.11 3.93
CA ASN A 108 4.68 48.61 3.86
C ASN A 108 4.64 47.10 3.62
N TRP A 109 4.97 46.69 2.40
CA TRP A 109 4.97 45.28 2.05
C TRP A 109 6.37 44.70 2.21
N ASP A 110 6.50 43.68 3.05
CA ASP A 110 7.79 43.03 3.26
C ASP A 110 8.07 42.21 2.01
N ILE A 111 9.14 42.53 1.29
CA ILE A 111 9.48 41.83 0.06
C ILE A 111 9.75 40.34 0.28
N ASP A 112 8.79 39.52 -0.15
CA ASP A 112 8.86 38.08 0.00
C ASP A 112 7.95 37.44 -1.07
N ILE A 113 8.54 36.73 -2.02
CA ILE A 113 7.75 36.10 -3.09
C ILE A 113 7.16 34.77 -2.68
N THR A 114 7.20 34.48 -1.38
CA THR A 114 6.71 33.22 -0.86
C THR A 114 5.24 33.25 -0.40
N GLY A 115 4.52 34.30 -0.77
CA GLY A 115 3.12 34.41 -0.35
C GLY A 115 2.07 33.82 -1.27
N TYR A 116 2.49 33.40 -2.47
CA TYR A 116 1.57 32.82 -3.45
C TYR A 116 2.09 31.48 -3.97
N ALA A 117 1.22 30.48 -3.91
CA ALA A 117 1.54 29.10 -4.31
C ALA A 117 2.10 28.84 -5.70
N GLN A 118 1.51 29.39 -6.75
CA GLN A 118 2.02 29.12 -8.08
C GLN A 118 3.48 29.48 -8.26
N MET A 119 3.80 30.75 -8.03
CA MET A 119 5.17 31.23 -8.18
C MET A 119 6.11 30.53 -7.21
N ARG A 120 5.65 30.35 -5.97
CA ARG A 120 6.47 29.72 -4.94
C ARG A 120 6.85 28.28 -5.25
N ARG A 121 5.90 27.48 -5.71
CA ARG A 121 6.19 26.08 -6.00
C ARG A 121 7.25 25.91 -7.07
N LYS A 122 7.22 26.77 -8.09
CA LYS A 122 8.18 26.71 -9.19
C LYS A 122 9.60 26.95 -8.71
N VAL A 123 9.80 28.09 -8.06
CA VAL A 123 11.13 28.43 -7.56
C VAL A 123 11.63 27.44 -6.52
N GLU A 124 10.73 26.84 -5.74
CA GLU A 124 11.16 25.89 -4.73
C GLU A 124 11.55 24.54 -5.32
N LEU A 125 11.70 24.49 -6.63
CA LEU A 125 12.12 23.26 -7.29
C LEU A 125 13.63 23.20 -7.19
N PHE A 126 14.23 24.36 -6.93
CA PHE A 126 15.68 24.50 -6.78
C PHE A 126 16.01 25.04 -5.40
N THR A 127 17.18 24.72 -4.89
CA THR A 127 17.60 25.18 -3.58
C THR A 127 18.16 26.60 -3.63
N TYR A 128 19.04 26.86 -4.60
CA TYR A 128 19.64 28.17 -4.75
C TYR A 128 19.30 28.76 -6.11
N MET A 129 19.15 30.08 -6.17
CA MET A 129 18.83 30.76 -7.42
C MET A 129 19.38 32.18 -7.48
N ARG A 130 20.03 32.50 -8.59
CA ARG A 130 20.62 33.83 -8.80
C ARG A 130 19.93 34.41 -10.04
N PHE A 131 19.41 35.64 -9.93
CA PHE A 131 18.71 36.23 -11.06
C PHE A 131 18.37 37.70 -10.90
N ASP A 132 18.12 38.36 -12.03
CA ASP A 132 17.72 39.77 -12.05
C ASP A 132 16.22 39.61 -12.23
N ALA A 133 15.45 40.65 -11.98
CA ALA A 133 14.01 40.52 -12.13
C ALA A 133 13.36 41.78 -12.66
N GLU A 134 12.14 41.63 -13.14
CA GLU A 134 11.38 42.73 -13.68
C GLU A 134 10.06 42.81 -12.92
N PHE A 135 9.90 43.85 -12.11
CA PHE A 135 8.69 44.03 -11.34
C PHE A 135 7.70 44.95 -12.01
N THR A 136 6.45 44.51 -12.07
CA THR A 136 5.37 45.29 -12.65
C THR A 136 4.30 45.49 -11.59
N PHE A 137 3.82 46.72 -11.46
CA PHE A 137 2.82 47.04 -10.47
C PHE A 137 1.50 47.45 -11.11
N VAL A 138 0.49 46.60 -10.97
CA VAL A 138 -0.83 46.84 -11.52
C VAL A 138 -1.75 47.40 -10.41
N ALA A 139 -2.17 48.65 -10.56
CA ALA A 139 -3.03 49.27 -9.55
C ALA A 139 -4.41 49.65 -10.05
N CYS A 140 -5.40 49.57 -9.15
CA CYS A 140 -6.78 49.91 -9.47
C CYS A 140 -7.61 49.75 -8.21
N THR A 141 -8.92 49.99 -8.30
CA THR A 141 -9.78 49.85 -7.13
C THR A 141 -10.19 48.38 -7.00
N PRO A 142 -10.86 48.02 -5.90
CA PRO A 142 -11.28 46.63 -5.70
C PRO A 142 -12.26 46.10 -6.74
N THR A 143 -12.81 46.97 -7.59
CA THR A 143 -13.74 46.53 -8.62
C THR A 143 -13.05 46.42 -9.96
N GLY A 144 -11.79 46.85 -10.01
CA GLY A 144 -11.03 46.80 -11.25
C GLY A 144 -11.12 48.12 -11.97
N GLN A 145 -11.79 49.08 -11.36
CA GLN A 145 -11.97 50.39 -11.94
C GLN A 145 -10.70 51.23 -11.90
N VAL A 146 -10.41 51.89 -13.02
CA VAL A 146 -9.24 52.74 -13.14
C VAL A 146 -9.63 54.15 -12.70
N VAL A 147 -8.91 54.65 -11.71
CA VAL A 147 -9.19 55.96 -11.14
C VAL A 147 -8.04 56.95 -11.28
N PRO A 148 -8.35 58.26 -11.45
CA PRO A 148 -7.33 59.30 -11.60
C PRO A 148 -6.66 59.63 -10.26
N GLN A 149 -5.76 58.75 -9.82
CA GLN A 149 -5.07 58.91 -8.55
C GLN A 149 -3.55 58.77 -8.74
N LEU A 150 -2.79 59.59 -8.03
CA LEU A 150 -1.33 59.56 -8.10
C LEU A 150 -0.74 58.81 -6.91
N LEU A 151 0.05 57.78 -7.17
CA LEU A 151 0.68 56.98 -6.12
C LEU A 151 2.19 57.09 -6.13
N GLN A 152 2.82 56.69 -5.04
CA GLN A 152 4.27 56.70 -4.94
C GLN A 152 4.74 55.37 -4.38
N TYR A 153 5.57 54.67 -5.14
CA TYR A 153 6.12 53.40 -4.69
C TYR A 153 7.56 53.68 -4.31
N MET A 154 8.02 53.14 -3.19
CA MET A 154 9.39 53.38 -2.79
C MET A 154 10.04 52.12 -2.27
N PHE A 155 11.24 51.84 -2.77
CA PHE A 155 11.98 50.67 -2.33
C PHE A 155 12.81 51.08 -1.14
N VAL A 156 12.55 50.46 0.01
CA VAL A 156 13.27 50.77 1.24
C VAL A 156 14.20 49.63 1.64
N PRO A 157 15.46 49.67 1.20
CA PRO A 157 16.44 48.63 1.52
C PRO A 157 16.56 48.49 3.02
N PRO A 158 16.93 47.28 3.50
CA PRO A 158 17.05 47.11 4.95
C PRO A 158 18.02 48.10 5.60
N GLY A 159 17.51 48.86 6.56
CA GLY A 159 18.34 49.84 7.25
C GLY A 159 17.80 51.25 7.02
N ALA A 160 17.12 51.44 5.90
CA ALA A 160 16.55 52.73 5.56
C ALA A 160 15.29 52.92 6.40
N PRO A 161 14.89 54.19 6.64
CA PRO A 161 13.69 54.48 7.44
C PRO A 161 12.38 54.17 6.75
N LYS A 162 11.60 53.27 7.34
CA LYS A 162 10.29 52.89 6.80
C LYS A 162 9.28 53.96 7.17
N PRO A 163 8.50 54.45 6.19
CA PRO A 163 7.50 55.47 6.45
C PRO A 163 6.44 55.05 7.47
N GLU A 164 6.16 55.95 8.41
CA GLU A 164 5.20 55.70 9.49
C GLU A 164 3.83 56.34 9.21
N SER A 165 3.74 57.12 8.13
CA SER A 165 2.50 57.78 7.75
C SER A 165 2.53 58.24 6.30
N ARG A 166 1.40 58.73 5.82
CA ARG A 166 1.30 59.21 4.45
C ARG A 166 2.19 60.45 4.25
N GLU A 167 2.37 61.22 5.31
CA GLU A 167 3.18 62.44 5.23
C GLU A 167 4.56 62.27 5.86
N SER A 168 5.00 61.02 6.00
CA SER A 168 6.31 60.74 6.58
C SER A 168 7.41 61.48 5.83
N LEU A 169 8.47 61.83 6.53
CA LEU A 169 9.59 62.54 5.92
C LEU A 169 10.36 61.61 4.99
N ALA A 170 10.21 60.30 5.20
CA ALA A 170 10.92 59.31 4.40
C ALA A 170 10.52 59.35 2.94
N TRP A 171 9.38 59.98 2.63
CA TRP A 171 8.92 60.04 1.25
C TRP A 171 9.69 61.05 0.40
N GLN A 172 10.75 61.61 0.97
CA GLN A 172 11.57 62.57 0.25
C GLN A 172 12.50 61.83 -0.74
N THR A 173 12.65 60.52 -0.55
CA THR A 173 13.49 59.67 -1.40
C THR A 173 14.76 60.28 -1.94
N ALA A 174 15.48 61.02 -1.10
CA ALA A 174 16.72 61.64 -1.53
C ALA A 174 17.71 60.59 -2.06
N THR A 175 17.57 59.34 -1.61
CA THR A 175 18.47 58.29 -2.05
C THR A 175 17.77 56.98 -2.46
N ASN A 176 16.66 56.64 -1.80
CA ASN A 176 15.93 55.43 -2.17
C ASN A 176 15.28 55.60 -3.53
N PRO A 177 15.16 54.51 -4.29
CA PRO A 177 14.52 54.63 -5.60
C PRO A 177 13.00 54.66 -5.44
N SER A 178 12.35 55.61 -6.08
CA SER A 178 10.90 55.76 -6.02
C SER A 178 10.29 55.87 -7.39
N VAL A 179 9.01 55.52 -7.49
CA VAL A 179 8.29 55.61 -8.76
C VAL A 179 6.98 56.34 -8.50
N PHE A 180 6.71 57.36 -9.31
CA PHE A 180 5.47 58.12 -9.18
C PHE A 180 4.62 57.82 -10.41
N VAL A 181 3.44 57.23 -10.20
CA VAL A 181 2.54 56.92 -11.31
C VAL A 181 1.09 57.19 -10.98
N LYS A 182 0.30 57.37 -12.01
CA LYS A 182 -1.13 57.59 -11.87
C LYS A 182 -1.75 56.24 -12.21
N LEU A 183 -2.91 55.93 -11.66
CA LEU A 183 -3.53 54.65 -11.98
C LEU A 183 -4.03 54.65 -13.43
N THR A 184 -4.07 55.83 -14.02
CA THR A 184 -4.51 55.97 -15.40
C THR A 184 -3.37 55.69 -16.39
N ASP A 185 -2.14 55.64 -15.88
CA ASP A 185 -0.98 55.34 -16.72
C ASP A 185 -0.83 53.82 -16.75
N PRO A 186 -0.17 53.28 -17.79
CA PRO A 186 0.00 51.83 -17.83
C PRO A 186 0.82 51.39 -16.61
N PRO A 187 0.61 50.16 -16.12
CA PRO A 187 1.36 49.67 -14.97
C PRO A 187 2.85 49.99 -14.96
N ALA A 188 3.35 50.49 -13.84
CA ALA A 188 4.76 50.81 -13.72
C ALA A 188 5.55 49.51 -13.80
N GLN A 189 6.69 49.57 -14.48
CA GLN A 189 7.55 48.40 -14.64
C GLN A 189 8.98 48.85 -14.39
N VAL A 190 9.76 47.99 -13.75
CA VAL A 190 11.12 48.38 -13.41
C VAL A 190 12.05 47.18 -13.34
N SER A 191 13.35 47.39 -13.57
CA SER A 191 14.34 46.31 -13.52
C SER A 191 15.12 46.32 -12.22
N VAL A 192 15.27 45.14 -11.64
CA VAL A 192 15.98 44.97 -10.39
C VAL A 192 17.14 43.99 -10.58
N PRO A 193 18.31 44.28 -9.99
CA PRO A 193 19.46 43.39 -10.12
C PRO A 193 19.47 42.31 -9.04
N PHE A 194 20.53 41.52 -9.00
CA PHE A 194 20.67 40.49 -7.98
C PHE A 194 21.30 41.21 -6.81
N MET A 195 20.50 41.54 -5.79
CA MET A 195 21.03 42.29 -4.65
C MET A 195 21.25 41.58 -3.34
N SER A 196 21.63 40.32 -3.39
CA SER A 196 21.89 39.59 -2.16
C SER A 196 23.37 39.65 -1.83
N PRO A 197 23.71 39.63 -0.54
CA PRO A 197 25.13 39.66 -0.19
C PRO A 197 25.74 38.26 -0.40
N ALA A 198 24.86 37.29 -0.64
CA ALA A 198 25.28 35.91 -0.91
C ALA A 198 25.42 35.80 -2.42
N SER A 199 25.89 34.66 -2.92
CA SER A 199 26.04 34.51 -4.37
C SER A 199 24.74 34.08 -5.03
N ALA A 200 23.73 33.81 -4.22
CA ALA A 200 22.43 33.40 -4.72
C ALA A 200 21.40 33.40 -3.60
N TYR A 201 20.13 33.46 -3.97
CA TYR A 201 19.06 33.43 -2.97
C TYR A 201 18.83 31.98 -2.57
N GLN A 202 18.39 31.74 -1.34
CA GLN A 202 18.12 30.40 -0.86
C GLN A 202 16.65 30.28 -0.51
N TRP A 203 15.95 29.35 -1.15
CA TRP A 203 14.54 29.17 -0.83
C TRP A 203 14.48 28.34 0.44
N PHE A 204 15.61 27.74 0.80
CA PHE A 204 15.73 26.90 1.99
C PHE A 204 17.03 27.14 2.72
N TYR A 205 16.95 27.47 4.00
CA TYR A 205 18.12 27.70 4.83
C TYR A 205 17.98 26.84 6.08
N ASP A 206 18.69 25.72 6.12
CA ASP A 206 18.62 24.83 7.25
C ASP A 206 19.55 25.27 8.38
N GLY A 207 19.14 26.30 9.10
CA GLY A 207 19.95 26.79 10.21
C GLY A 207 19.35 28.01 10.87
N TYR A 208 20.08 28.61 11.80
CA TYR A 208 19.63 29.80 12.51
C TYR A 208 20.47 30.99 12.11
N PRO A 209 19.90 32.21 12.18
CA PRO A 209 20.63 33.41 11.80
C PRO A 209 21.60 33.96 12.85
N THR A 210 21.38 33.61 14.12
CA THR A 210 22.24 34.09 15.20
C THR A 210 22.69 32.97 16.14
N PHE A 211 23.76 33.23 16.90
CA PHE A 211 24.27 32.25 17.84
C PHE A 211 23.49 32.33 19.15
N GLY A 212 23.94 31.57 20.14
CA GLY A 212 23.29 31.59 21.45
C GLY A 212 22.35 30.42 21.66
N GLU A 213 21.64 30.44 22.78
CA GLU A 213 20.70 29.38 23.11
C GLU A 213 19.50 29.52 22.19
N HIS A 214 18.98 28.40 21.71
CA HIS A 214 17.83 28.45 20.82
C HIS A 214 16.60 27.87 21.52
N LYS A 215 16.00 28.70 22.37
CA LYS A 215 14.83 28.33 23.15
C LYS A 215 13.52 28.35 22.36
N GLN A 216 12.50 27.73 22.92
CA GLN A 216 11.16 27.65 22.34
C GLN A 216 10.68 28.97 21.74
N GLU A 217 10.80 30.04 22.52
CA GLU A 217 10.36 31.37 22.09
C GLU A 217 11.03 31.90 20.82
N LYS A 218 12.27 31.51 20.58
CA LYS A 218 13.00 31.98 19.40
C LYS A 218 13.05 31.01 18.22
N ASP A 219 12.31 29.91 18.28
CA ASP A 219 12.30 28.95 17.18
C ASP A 219 11.67 29.60 15.95
N LEU A 220 11.18 30.82 16.16
CA LEU A 220 10.57 31.61 15.11
C LEU A 220 11.61 31.95 14.03
N GLU A 221 12.88 31.99 14.45
CA GLU A 221 13.99 32.33 13.58
C GLU A 221 14.61 31.19 12.77
N TYR A 222 14.24 29.96 13.07
CA TYR A 222 14.78 28.82 12.34
C TYR A 222 14.41 28.89 10.86
N GLY A 223 15.41 28.78 10.00
CA GLY A 223 15.16 28.81 8.57
C GLY A 223 15.07 30.22 7.99
N ALA A 224 15.39 31.22 8.80
CA ALA A 224 15.33 32.60 8.37
C ALA A 224 16.71 33.08 7.93
N CYS A 225 16.89 33.30 6.64
CA CYS A 225 18.16 33.76 6.13
C CYS A 225 18.10 35.22 5.67
N PRO A 226 18.84 36.10 6.34
CA PRO A 226 18.88 37.54 6.03
C PRO A 226 19.35 37.83 4.62
N ASN A 227 20.08 36.89 4.00
CA ASN A 227 20.58 37.11 2.66
C ASN A 227 19.43 37.12 1.66
N ASN A 228 18.23 36.76 2.12
CA ASN A 228 17.05 36.75 1.26
C ASN A 228 16.11 37.91 1.60
N MET A 229 16.39 38.57 2.71
CA MET A 229 15.56 39.69 3.13
C MET A 229 16.08 40.97 2.49
N MET A 230 15.47 41.31 1.36
CA MET A 230 15.86 42.47 0.56
C MET A 230 15.28 43.82 0.95
N GLY A 231 14.42 43.86 1.96
CA GLY A 231 13.85 45.12 2.38
C GLY A 231 12.36 45.22 2.26
N THR A 232 11.87 46.45 2.18
CA THR A 232 10.44 46.73 2.10
C THR A 232 10.03 47.52 0.86
N PHE A 233 8.77 47.36 0.49
CA PHE A 233 8.18 48.07 -0.65
C PHE A 233 7.06 48.91 -0.05
N SER A 234 7.17 50.23 -0.15
CA SER A 234 6.16 51.12 0.42
C SER A 234 5.32 51.85 -0.62
N VAL A 235 4.04 52.03 -0.31
CA VAL A 235 3.12 52.72 -1.21
C VAL A 235 2.34 53.78 -0.46
N ARG A 236 1.89 54.83 -1.17
CA ARG A 236 1.12 55.87 -0.53
C ARG A 236 0.38 56.73 -1.55
N ASN A 237 -0.57 57.52 -1.06
CA ASN A 237 -1.32 58.44 -1.91
C ASN A 237 -0.45 59.67 -1.86
N VAL A 238 -0.03 60.20 -2.99
CA VAL A 238 0.81 61.38 -2.93
C VAL A 238 -0.07 62.56 -2.51
N GLY A 239 -0.18 62.76 -1.19
CA GLY A 239 -0.98 63.85 -0.68
C GLY A 239 -0.87 64.01 0.82
N SER A 240 -1.72 64.86 1.39
CA SER A 240 -1.73 65.10 2.82
C SER A 240 -3.13 64.90 3.39
N SER A 241 -4.03 64.43 2.53
CA SER A 241 -5.41 64.17 2.91
C SER A 241 -5.82 62.77 2.45
N LYS A 242 -6.90 62.25 3.00
CA LYS A 242 -7.39 60.92 2.66
C LYS A 242 -7.75 60.85 1.18
N SER A 243 -7.45 59.71 0.54
CA SER A 243 -7.77 59.52 -0.87
C SER A 243 -9.27 59.38 -1.03
N LYS A 244 -9.78 59.69 -2.21
CA LYS A 244 -11.20 59.59 -2.47
C LYS A 244 -11.61 58.17 -2.87
N TYR A 245 -10.63 57.32 -3.17
CA TYR A 245 -10.92 55.96 -3.59
C TYR A 245 -10.10 54.88 -2.89
N PRO A 246 -10.65 53.65 -2.83
CA PRO A 246 -9.99 52.51 -2.20
C PRO A 246 -9.07 51.89 -3.27
N LEU A 247 -7.85 51.55 -2.91
CA LEU A 247 -6.92 51.00 -3.90
C LEU A 247 -6.35 49.63 -3.59
N VAL A 248 -5.82 49.00 -4.63
CA VAL A 248 -5.20 47.69 -4.54
C VAL A 248 -4.03 47.71 -5.49
N VAL A 249 -2.91 47.14 -5.06
CA VAL A 249 -1.73 47.09 -5.89
C VAL A 249 -1.26 45.66 -5.98
N ARG A 250 -1.27 45.11 -7.18
CA ARG A 250 -0.81 43.74 -7.38
C ARG A 250 0.60 43.82 -7.94
N ILE A 251 1.50 43.02 -7.36
CA ILE A 251 2.89 43.01 -7.78
C ILE A 251 3.24 41.74 -8.52
N TYR A 252 3.75 41.91 -9.74
CA TYR A 252 4.14 40.77 -10.57
C TYR A 252 5.66 40.73 -10.74
N MET A 253 6.23 39.53 -10.79
CA MET A 253 7.66 39.40 -10.95
C MET A 253 8.06 38.46 -12.08
N ARG A 254 9.00 38.93 -12.90
CA ARG A 254 9.51 38.15 -14.03
C ARG A 254 11.01 38.02 -13.84
N MET A 255 11.51 36.80 -13.75
CA MET A 255 12.94 36.58 -13.57
C MET A 255 13.70 36.60 -14.90
N LYS A 256 14.91 37.17 -14.87
CA LYS A 256 15.75 37.25 -16.06
C LYS A 256 17.17 36.84 -15.71
N HIS A 257 17.92 36.36 -16.69
CA HIS A 257 19.31 35.98 -16.46
C HIS A 257 19.36 35.05 -15.25
N VAL A 258 18.69 33.92 -15.37
CA VAL A 258 18.59 32.96 -14.27
C VAL A 258 19.62 31.84 -14.23
N ARG A 259 20.15 31.62 -13.02
CA ARG A 259 21.12 30.55 -12.74
C ARG A 259 20.44 29.80 -11.60
N ALA A 260 20.50 28.48 -11.58
CA ALA A 260 19.88 27.71 -10.52
C ALA A 260 20.69 26.48 -10.17
N TRP A 261 20.71 26.12 -8.89
CA TRP A 261 21.47 24.96 -8.43
C TRP A 261 20.68 24.04 -7.51
N ILE A 262 21.09 22.77 -7.51
CA ILE A 262 20.51 21.75 -6.64
C ILE A 262 18.99 21.61 -6.63
N PRO A 263 18.45 20.75 -7.51
CA PRO A 263 16.99 20.53 -7.58
C PRO A 263 16.49 19.73 -6.38
N ARG A 264 15.23 19.93 -6.01
CA ARG A 264 14.64 19.24 -4.87
C ARG A 264 13.27 18.68 -5.22
N PRO A 265 12.70 17.84 -4.35
CA PRO A 265 11.38 17.27 -4.60
C PRO A 265 10.39 18.43 -4.62
N MET A 266 9.42 18.39 -5.52
CA MET A 266 8.43 19.46 -5.65
C MET A 266 7.37 19.42 -4.55
N ARG A 267 6.99 20.60 -4.05
CA ARG A 267 5.98 20.70 -2.99
C ARG A 267 4.87 19.68 -3.19
N ASN A 268 4.64 18.92 -2.12
CA ASN A 268 3.68 17.82 -2.08
C ASN A 268 2.34 18.18 -1.42
N GLN A 269 2.41 18.98 -0.36
CA GLN A 269 1.25 19.40 0.42
C GLN A 269 0.95 20.88 0.28
N ASN A 270 -0.23 21.29 0.73
CA ASN A 270 -0.64 22.68 0.68
C ASN A 270 0.29 23.54 1.52
N TYR A 271 0.48 24.78 1.09
CA TYR A 271 1.32 25.72 1.81
C TYR A 271 0.46 26.34 2.89
N LEU A 272 1.07 26.66 4.03
CA LEU A 272 0.31 27.26 5.12
C LEU A 272 0.90 28.61 5.53
N PHE A 273 2.23 28.67 5.61
CA PHE A 273 2.90 29.90 6.01
C PHE A 273 4.02 30.31 5.06
N LYS A 274 4.52 31.53 5.23
CA LYS A 274 5.57 32.05 4.36
C LYS A 274 7.01 31.63 4.71
N ALA A 275 7.42 31.86 5.94
CA ALA A 275 8.79 31.56 6.35
C ALA A 275 9.12 30.09 6.60
N ASN A 276 8.21 29.17 6.26
CA ASN A 276 8.48 27.76 6.51
C ASN A 276 7.66 26.76 5.69
N PRO A 277 8.09 25.48 5.71
CA PRO A 277 7.44 24.39 4.99
C PRO A 277 6.41 23.60 5.79
N ASN A 278 5.80 24.22 6.80
CA ASN A 278 4.80 23.52 7.60
C ASN A 278 3.68 22.98 6.73
N TYR A 279 3.11 21.86 7.16
CA TYR A 279 2.00 21.22 6.45
C TYR A 279 0.99 20.74 7.48
N ALA A 280 -0.26 20.58 7.07
CA ALA A 280 -1.30 20.12 7.98
C ALA A 280 -1.14 18.63 8.23
N GLY A 281 -0.69 18.28 9.43
CA GLY A 281 -0.47 16.88 9.79
C GLY A 281 -1.68 15.96 9.76
N ASN A 282 -2.88 16.52 9.84
CA ASN A 282 -4.11 15.71 9.84
C ASN A 282 -4.69 15.58 8.44
N SER A 283 -4.15 16.36 7.51
CA SER A 283 -4.63 16.32 6.13
C SER A 283 -3.48 16.05 5.18
N ILE A 284 -2.68 15.03 5.48
CA ILE A 284 -1.56 14.67 4.62
C ILE A 284 -2.11 13.85 3.46
N LYS A 285 -2.29 14.50 2.31
CA LYS A 285 -2.83 13.83 1.13
C LYS A 285 -1.70 13.22 0.29
N PRO A 286 -2.03 12.18 -0.50
CA PRO A 286 -1.04 11.52 -1.36
C PRO A 286 -0.58 12.49 -2.43
N THR A 287 0.57 12.21 -3.04
CA THR A 287 1.08 13.10 -4.07
C THR A 287 0.05 13.21 -5.20
N GLY A 288 -0.62 12.11 -5.49
CA GLY A 288 -1.60 12.15 -6.56
C GLY A 288 -2.89 11.37 -6.36
N THR A 289 -3.48 11.00 -7.50
CA THR A 289 -4.73 10.26 -7.55
C THR A 289 -4.57 8.82 -7.08
N SER A 290 -5.67 8.22 -6.63
CA SER A 290 -5.66 6.84 -6.15
C SER A 290 -6.71 6.01 -6.89
N ARG A 291 -6.66 4.70 -6.72
CA ARG A 291 -7.60 3.80 -7.36
C ARG A 291 -7.99 2.64 -6.46
N THR A 292 -8.96 1.85 -6.90
CA THR A 292 -9.46 0.71 -6.13
C THR A 292 -8.46 -0.43 -5.99
N ALA A 293 -8.01 -0.97 -7.11
CA ALA A 293 -7.05 -2.08 -7.08
C ALA A 293 -5.85 -1.79 -7.96
N ILE A 294 -4.74 -2.45 -7.66
CA ILE A 294 -3.50 -2.27 -8.41
C ILE A 294 -3.54 -3.00 -9.74
N THR A 295 -4.49 -3.92 -9.89
CA THR A 295 -4.65 -4.71 -11.11
C THR A 295 -5.78 -4.22 -12.01
N THR A 296 -6.33 -3.05 -11.71
CA THR A 296 -7.42 -2.48 -12.49
C THR A 296 -7.20 -0.99 -12.69
N LEU A 297 -7.49 -0.50 -13.90
CA LEU A 297 -7.32 0.91 -14.19
C LEU A 297 -8.38 1.79 -13.52
N ASP B 11 36.40 -4.13 -9.68
CA ASP B 11 35.35 -3.08 -9.47
C ASP B 11 34.41 -3.34 -8.27
N ARG B 12 34.33 -4.59 -7.83
CA ARG B 12 33.50 -4.97 -6.70
C ARG B 12 34.33 -4.81 -5.42
N VAL B 13 35.65 -4.86 -5.57
CA VAL B 13 36.56 -4.71 -4.43
C VAL B 13 37.12 -3.29 -4.46
N ALA B 14 37.48 -2.77 -3.29
CA ALA B 14 38.02 -1.41 -3.22
C ALA B 14 38.70 -1.15 -1.88
N GLN B 15 39.54 -0.13 -1.87
CA GLN B 15 40.23 0.27 -0.66
C GLN B 15 40.29 1.78 -0.62
N LEU B 16 39.94 2.37 0.51
CA LEU B 16 39.96 3.80 0.67
C LEU B 16 40.94 4.14 1.77
N THR B 17 42.06 4.75 1.38
CA THR B 17 43.08 5.11 2.35
C THR B 17 43.18 6.62 2.40
N ILE B 18 43.12 7.17 3.60
CA ILE B 18 43.23 8.60 3.78
C ILE B 18 43.64 8.80 5.24
N GLY B 19 44.66 9.63 5.47
CA GLY B 19 45.13 9.83 6.82
C GLY B 19 45.79 8.54 7.25
N ASN B 20 45.56 8.12 8.49
CA ASN B 20 46.13 6.89 9.00
C ASN B 20 45.04 5.82 9.11
N SER B 21 44.05 5.90 8.24
CA SER B 21 42.94 4.96 8.26
C SER B 21 42.68 4.36 6.89
N THR B 22 42.35 3.07 6.88
CA THR B 22 42.08 2.36 5.63
C THR B 22 40.79 1.55 5.71
N ILE B 23 39.98 1.64 4.67
CA ILE B 23 38.73 0.88 4.62
C ILE B 23 38.84 -0.14 3.50
N THR B 24 38.31 -1.31 3.77
CA THR B 24 38.34 -2.41 2.81
C THR B 24 36.92 -2.88 2.50
N THR B 25 36.73 -3.43 1.31
CA THR B 25 35.42 -3.94 0.92
C THR B 25 35.57 -4.87 -0.27
N GLN B 26 34.79 -5.94 -0.28
CA GLN B 26 34.88 -6.90 -1.36
C GLN B 26 33.54 -7.06 -2.08
N GLU B 27 32.58 -6.24 -1.69
CA GLU B 27 31.26 -6.23 -2.31
C GLU B 27 30.78 -4.79 -2.40
N ALA B 28 31.50 -3.99 -3.18
CA ALA B 28 31.18 -2.60 -3.38
C ALA B 28 30.43 -2.43 -4.68
N ALA B 29 29.95 -1.23 -4.95
CA ALA B 29 29.22 -0.94 -6.18
C ALA B 29 29.74 0.38 -6.75
N ASN B 30 31.04 0.42 -7.02
CA ASN B 30 31.68 1.61 -7.56
C ASN B 30 31.65 2.73 -6.51
N ILE B 31 32.05 3.92 -6.91
CA ILE B 31 32.08 5.08 -6.03
C ILE B 31 31.38 6.24 -6.69
N ILE B 32 30.57 6.97 -5.94
CA ILE B 32 29.86 8.11 -6.47
C ILE B 32 30.56 9.39 -6.05
N VAL B 33 30.73 10.31 -6.99
CA VAL B 33 31.36 11.59 -6.70
C VAL B 33 30.29 12.65 -6.89
N GLY B 34 29.70 13.07 -5.79
CA GLY B 34 28.63 14.06 -5.81
C GLY B 34 28.75 15.20 -6.81
N TYR B 35 27.78 15.27 -7.72
CA TYR B 35 27.74 16.34 -8.72
C TYR B 35 29.00 16.38 -9.60
N GLY B 36 29.64 15.24 -9.74
CA GLY B 36 30.84 15.14 -10.57
C GLY B 36 31.97 16.08 -10.21
N GLU B 37 32.19 16.30 -8.92
CA GLU B 37 33.26 17.20 -8.47
C GLU B 37 33.97 16.69 -7.23
N TRP B 38 35.30 16.72 -7.27
CA TRP B 38 36.10 16.29 -6.13
C TRP B 38 36.30 17.44 -5.17
N PRO B 39 36.44 17.14 -3.88
CA PRO B 39 36.64 18.22 -2.91
C PRO B 39 37.91 18.97 -3.28
N SER B 40 37.93 20.27 -3.04
CA SER B 40 39.09 21.08 -3.36
C SER B 40 39.19 22.21 -2.36
N TYR B 41 40.34 22.88 -2.34
CA TYR B 41 40.52 23.99 -1.42
C TYR B 41 39.93 25.26 -2.04
N CYS B 42 39.76 26.29 -1.22
CA CYS B 42 39.18 27.53 -1.69
C CYS B 42 40.13 28.40 -2.51
N SER B 43 39.64 28.85 -3.68
CA SER B 43 40.41 29.69 -4.60
C SER B 43 40.78 30.99 -3.91
N ASP B 44 41.73 31.72 -4.47
CA ASP B 44 42.14 33.00 -3.92
C ASP B 44 41.14 34.08 -4.35
N ASP B 45 40.30 33.77 -5.34
CA ASP B 45 39.31 34.73 -5.81
C ASP B 45 37.90 34.43 -5.31
N ASP B 46 37.73 33.25 -4.71
CA ASP B 46 36.44 32.86 -4.15
C ASP B 46 36.42 33.17 -2.65
N ALA B 47 37.59 33.45 -2.09
CA ALA B 47 37.74 33.73 -0.67
C ALA B 47 37.53 35.20 -0.29
N THR B 48 37.25 35.44 1.00
CA THR B 48 37.07 36.80 1.53
C THR B 48 37.88 36.98 2.79
N ALA B 49 37.75 36.05 3.72
CA ALA B 49 38.51 36.10 4.97
C ALA B 49 39.97 36.29 4.58
N VAL B 50 40.60 37.32 5.14
CA VAL B 50 41.99 37.62 4.82
C VAL B 50 43.04 36.87 5.63
N ASP B 51 42.67 36.29 6.75
CA ASP B 51 43.64 35.58 7.55
C ASP B 51 44.00 34.25 6.90
N LYS B 52 45.25 33.84 7.08
CA LYS B 52 45.73 32.58 6.52
C LYS B 52 45.08 31.42 7.24
N PRO B 53 44.42 30.52 6.50
CA PRO B 53 43.76 29.35 7.11
C PRO B 53 44.70 28.25 7.54
N THR B 54 44.17 27.32 8.31
CA THR B 54 44.91 26.17 8.81
C THR B 54 44.45 24.99 7.98
N ARG B 55 45.40 24.19 7.51
CA ARG B 55 45.06 23.01 6.75
C ARG B 55 45.80 21.86 7.42
N PRO B 56 45.29 21.41 8.57
CA PRO B 56 45.84 20.32 9.39
C PRO B 56 46.12 19.00 8.67
N ASP B 57 45.51 18.82 7.50
CA ASP B 57 45.73 17.61 6.70
C ASP B 57 45.48 16.29 7.43
N VAL B 58 46.46 15.39 7.40
CA VAL B 58 46.34 14.06 8.00
C VAL B 58 45.69 13.91 9.38
N SER B 59 45.77 14.93 10.22
CA SER B 59 45.17 14.83 11.55
C SER B 59 43.66 14.97 11.55
N VAL B 60 43.10 15.57 10.49
CA VAL B 60 41.66 15.76 10.43
C VAL B 60 41.03 15.09 9.21
N ASN B 61 41.81 14.89 8.16
CA ASN B 61 41.30 14.25 6.95
C ASN B 61 41.57 12.76 7.04
N ARG B 62 40.73 12.06 7.82
CA ARG B 62 40.87 10.62 8.02
C ARG B 62 39.49 10.05 8.31
N PHE B 63 39.40 8.73 8.37
CA PHE B 63 38.12 8.07 8.63
C PHE B 63 37.71 7.98 10.09
N TYR B 64 36.55 8.56 10.39
CA TYR B 64 35.98 8.53 11.72
C TYR B 64 34.77 7.62 11.66
N THR B 65 34.70 6.63 12.55
CA THR B 65 33.57 5.72 12.56
C THR B 65 32.59 6.06 13.67
N LEU B 66 31.42 6.55 13.27
CA LEU B 66 30.37 6.94 14.21
C LEU B 66 29.56 5.73 14.65
N ASP B 67 28.61 5.97 15.56
CA ASP B 67 27.78 4.88 16.07
C ASP B 67 27.19 3.95 15.02
N THR B 68 26.78 2.79 15.51
CA THR B 68 26.19 1.73 14.69
C THR B 68 24.69 1.68 14.96
N LYS B 69 23.91 1.42 13.93
CA LYS B 69 22.46 1.31 14.07
C LYS B 69 22.06 -0.12 13.80
N LEU B 70 20.91 -0.53 14.32
CA LEU B 70 20.44 -1.89 14.09
C LEU B 70 19.28 -1.87 13.12
N TRP B 71 19.42 -2.62 12.03
CA TRP B 71 18.39 -2.72 11.01
C TRP B 71 17.39 -3.77 11.45
N GLU B 72 16.14 -3.35 11.67
CA GLU B 72 15.07 -4.25 12.08
C GLU B 72 14.08 -4.39 10.94
N LYS B 73 13.25 -5.42 10.99
CA LYS B 73 12.25 -5.64 9.93
C LYS B 73 11.22 -4.50 9.89
N SER B 74 11.26 -3.63 10.89
CA SER B 74 10.33 -2.53 10.99
C SER B 74 10.95 -1.14 11.04
N SER B 75 12.26 -1.05 10.81
CA SER B 75 12.95 0.24 10.84
C SER B 75 12.42 1.20 9.79
N LYS B 76 12.43 2.49 10.12
CA LYS B 76 11.94 3.52 9.21
C LYS B 76 13.07 4.24 8.49
N GLY B 77 14.21 4.39 9.17
CA GLY B 77 15.35 5.08 8.57
C GLY B 77 15.93 6.09 9.52
N TRP B 78 17.15 6.54 9.23
CA TRP B 78 17.83 7.52 10.08
C TRP B 78 18.51 8.57 9.23
N TYR B 79 19.00 9.62 9.87
CA TYR B 79 19.71 10.67 9.17
C TYR B 79 20.75 11.30 10.08
N TRP B 80 21.78 11.89 9.48
CA TRP B 80 22.84 12.53 10.22
C TRP B 80 23.13 13.85 9.53
N LYS B 81 23.28 14.92 10.29
CA LYS B 81 23.60 16.22 9.68
C LYS B 81 25.11 16.19 9.68
N PHE B 82 25.76 16.61 8.59
CA PHE B 82 27.19 16.44 8.57
C PHE B 82 28.26 17.29 9.18
N PRO B 83 28.31 18.60 8.88
CA PRO B 83 29.44 19.22 9.61
C PRO B 83 29.36 18.75 11.08
N ASP B 84 28.11 18.74 11.59
CA ASP B 84 27.75 18.35 12.96
C ASP B 84 28.26 17.03 13.54
N VAL B 85 27.96 15.90 12.91
CA VAL B 85 28.39 14.59 13.42
C VAL B 85 29.82 14.51 13.95
N LEU B 86 30.70 15.35 13.43
CA LEU B 86 32.11 15.32 13.81
C LEU B 86 32.59 16.42 14.74
N THR B 87 31.77 17.43 14.99
CA THR B 87 32.18 18.55 15.81
C THR B 87 32.67 18.25 17.24
N GLU B 88 32.43 17.04 17.73
CA GLU B 88 32.89 16.69 19.07
C GLU B 88 33.81 15.48 19.06
N THR B 89 34.41 15.22 17.90
CA THR B 89 35.29 14.07 17.71
C THR B 89 36.66 14.41 17.15
N GLY B 90 37.69 13.77 17.71
CA GLY B 90 39.06 13.96 17.26
C GLY B 90 39.57 15.38 17.09
N VAL B 91 40.63 15.53 16.31
CA VAL B 91 41.22 16.83 16.06
C VAL B 91 40.36 17.66 15.11
N PHE B 92 39.48 17.01 14.35
CA PHE B 92 38.61 17.75 13.46
C PHE B 92 37.68 18.58 14.33
N GLY B 93 37.11 17.92 15.35
CA GLY B 93 36.22 18.61 16.26
C GLY B 93 36.87 19.79 16.95
N GLN B 94 38.11 19.62 17.39
CA GLN B 94 38.82 20.70 18.08
C GLN B 94 38.98 21.92 17.17
N ASN B 95 39.36 21.68 15.93
CA ASN B 95 39.53 22.78 14.99
C ASN B 95 38.21 23.44 14.68
N ALA B 96 37.14 22.63 14.60
CA ALA B 96 35.81 23.14 14.31
C ALA B 96 35.29 24.01 15.46
N GLN B 97 35.78 23.74 16.65
CA GLN B 97 35.37 24.49 17.84
C GLN B 97 36.21 25.76 18.04
N PHE B 98 37.51 25.66 17.81
CA PHE B 98 38.40 26.80 17.99
C PHE B 98 38.30 27.83 16.88
N HIS B 99 37.92 27.41 15.68
CA HIS B 99 37.81 28.31 14.55
C HIS B 99 36.37 28.71 14.22
N TYR B 100 36.21 29.93 13.78
CA TYR B 100 34.89 30.43 13.41
C TYR B 100 34.48 29.83 12.08
N LEU B 101 35.36 29.95 11.10
CA LEU B 101 35.12 29.45 9.75
C LEU B 101 35.68 28.04 9.49
N TYR B 102 34.91 27.26 8.77
CA TYR B 102 35.27 25.89 8.43
C TYR B 102 34.85 25.62 6.99
N ARG B 103 35.55 24.69 6.34
CA ARG B 103 35.27 24.33 4.96
C ARG B 103 35.85 22.94 4.72
N SER B 104 35.13 22.09 4.00
CA SER B 104 35.63 20.75 3.70
C SER B 104 34.64 19.87 2.95
N GLY B 105 35.18 18.83 2.32
CA GLY B 105 34.35 17.88 1.60
C GLY B 105 34.33 16.65 2.46
N PHE B 106 33.64 15.60 2.04
CA PHE B 106 33.59 14.38 2.83
C PHE B 106 33.57 13.12 1.99
N CYS B 107 34.09 12.05 2.56
CA CYS B 107 34.05 10.76 1.90
C CYS B 107 33.24 9.91 2.86
N ILE B 108 32.00 9.62 2.49
CA ILE B 108 31.12 8.85 3.33
C ILE B 108 31.04 7.39 2.92
N HIS B 109 31.27 6.50 3.88
CA HIS B 109 31.23 5.08 3.60
C HIS B 109 30.29 4.37 4.57
N VAL B 110 29.09 4.05 4.11
CA VAL B 110 28.10 3.35 4.92
C VAL B 110 28.29 1.86 4.68
N GLN B 111 28.45 1.10 5.75
CA GLN B 111 28.65 -0.32 5.58
C GLN B 111 27.62 -1.16 6.34
N CYS B 112 27.14 -2.21 5.68
CA CYS B 112 26.15 -3.11 6.25
C CYS B 112 26.17 -4.43 5.50
N ASN B 113 26.57 -5.50 6.19
CA ASN B 113 26.63 -6.80 5.56
C ASN B 113 25.65 -7.78 6.21
N ALA B 114 25.26 -8.78 5.43
CA ALA B 114 24.33 -9.81 5.88
C ALA B 114 24.85 -11.14 5.35
N SER B 115 23.96 -11.92 4.73
CA SER B 115 24.37 -13.21 4.17
C SER B 115 23.64 -13.41 2.85
N LYS B 116 23.94 -14.51 2.16
CA LYS B 116 23.30 -14.77 0.89
C LYS B 116 21.86 -15.24 1.07
N PHE B 117 21.40 -15.29 2.32
CA PHE B 117 20.04 -15.71 2.62
C PHE B 117 19.19 -14.59 3.23
N HIS B 118 19.80 -13.43 3.46
CA HIS B 118 19.07 -12.27 3.99
C HIS B 118 18.72 -11.41 2.77
N GLN B 119 17.82 -10.45 2.94
CA GLN B 119 17.44 -9.58 1.84
C GLN B 119 16.96 -8.24 2.33
N GLY B 120 17.04 -7.23 1.47
CA GLY B 120 16.62 -5.89 1.84
C GLY B 120 17.43 -4.88 1.06
N ALA B 121 16.94 -3.64 1.00
CA ALA B 121 17.64 -2.58 0.27
C ALA B 121 17.56 -1.25 0.97
N LEU B 122 18.73 -0.65 1.19
CA LEU B 122 18.83 0.65 1.85
C LEU B 122 19.17 1.71 0.83
N LEU B 123 18.53 2.86 0.93
CA LEU B 123 18.84 3.97 0.04
C LEU B 123 19.74 4.89 0.86
N VAL B 124 20.97 5.08 0.39
CA VAL B 124 21.91 5.96 1.08
C VAL B 124 22.07 7.21 0.24
N ALA B 125 21.55 8.33 0.71
CA ALA B 125 21.63 9.56 -0.06
C ALA B 125 22.11 10.77 0.72
N ILE B 126 22.57 11.77 -0.03
CA ILE B 126 23.08 13.01 0.53
C ILE B 126 22.12 14.12 0.13
N LEU B 127 21.51 14.77 1.12
CA LEU B 127 20.59 15.85 0.82
C LEU B 127 21.11 17.17 1.35
N PRO B 128 21.62 18.04 0.47
CA PRO B 128 22.16 19.34 0.88
C PRO B 128 21.09 20.21 1.54
N GLU B 129 21.50 21.03 2.51
CA GLU B 129 20.58 21.90 3.23
C GLU B 129 19.33 21.12 3.61
N TYR B 130 19.52 20.04 4.37
CA TYR B 130 18.40 19.21 4.80
C TYR B 130 17.65 19.82 5.98
N VAL B 131 16.70 20.69 5.68
CA VAL B 131 15.90 21.36 6.69
C VAL B 131 14.75 20.45 7.15
N ILE B 132 14.66 20.25 8.46
CA ILE B 132 13.64 19.42 9.09
C ILE B 132 12.36 20.20 9.41
N GLY B 133 11.20 19.60 9.18
CA GLY B 133 9.94 20.26 9.48
C GLY B 133 9.24 19.48 10.56
N THR B 134 8.11 19.97 11.07
CA THR B 134 7.38 19.26 12.10
C THR B 134 6.00 18.91 11.57
N VAL B 135 5.30 18.04 12.30
CA VAL B 135 3.95 17.62 11.91
C VAL B 135 2.93 18.71 12.19
N ALA B 136 3.39 19.84 12.71
CA ALA B 136 2.52 20.97 13.03
C ALA B 136 1.34 20.60 13.93
N GLY B 137 1.61 19.89 15.02
CA GLY B 137 0.55 19.51 15.92
C GLY B 137 -0.50 18.57 15.34
N GLY B 138 -0.16 17.89 14.25
CA GLY B 138 -1.08 16.97 13.62
C GLY B 138 -2.13 17.62 12.74
N THR B 139 -2.84 18.60 13.29
CA THR B 139 -3.88 19.30 12.54
C THR B 139 -3.30 20.25 11.50
N GLY B 140 -2.13 20.80 11.79
CA GLY B 140 -1.48 21.71 10.88
C GLY B 140 -1.80 23.17 11.19
N THR B 141 -2.34 23.41 12.37
CA THR B 141 -2.68 24.77 12.77
C THR B 141 -1.67 25.33 13.76
N GLU B 142 -0.83 24.47 14.29
CA GLU B 142 0.19 24.88 15.24
C GLU B 142 1.57 25.04 14.59
N ASP B 143 2.11 26.26 14.63
CA ASP B 143 3.42 26.53 14.04
C ASP B 143 4.53 26.09 14.99
N SER B 144 4.74 24.79 15.10
CA SER B 144 5.77 24.26 15.97
C SER B 144 7.06 24.10 15.18
N HIS B 145 8.18 23.98 15.89
CA HIS B 145 9.47 23.81 15.23
C HIS B 145 10.27 22.67 15.84
N PRO B 146 11.13 22.03 15.03
CA PRO B 146 11.95 20.92 15.51
C PRO B 146 12.96 21.39 16.53
N PRO B 147 13.14 20.63 17.63
CA PRO B 147 14.09 20.98 18.68
C PRO B 147 15.55 20.80 18.25
N TYR B 148 16.46 21.45 18.96
CA TYR B 148 17.89 21.37 18.67
C TYR B 148 18.35 19.91 18.59
N LYS B 149 17.77 19.07 19.46
CA LYS B 149 18.11 17.64 19.52
C LYS B 149 17.77 16.91 18.22
N GLN B 150 16.86 17.48 17.44
CA GLN B 150 16.44 16.85 16.19
C GLN B 150 17.06 17.46 14.92
N THR B 151 17.31 18.76 14.94
CA THR B 151 17.90 19.43 13.78
C THR B 151 19.39 19.13 13.69
N GLN B 152 20.02 18.97 14.85
CA GLN B 152 21.45 18.65 14.91
C GLN B 152 21.64 17.54 15.95
N PRO B 153 21.25 16.31 15.60
CA PRO B 153 21.32 15.08 16.41
C PRO B 153 22.69 14.60 16.84
N GLY B 154 23.74 15.18 16.27
CA GLY B 154 25.08 14.76 16.63
C GLY B 154 25.46 13.45 15.95
N ALA B 155 26.38 12.72 16.58
CA ALA B 155 26.88 11.45 16.05
C ALA B 155 25.89 10.30 16.18
N ASP B 156 24.96 10.39 17.11
CA ASP B 156 23.99 9.33 17.32
C ASP B 156 22.93 9.31 16.22
N GLY B 157 22.93 10.34 15.38
CA GLY B 157 21.94 10.41 14.32
C GLY B 157 20.55 10.55 14.92
N PHE B 158 19.53 10.53 14.08
CA PHE B 158 18.16 10.65 14.54
C PHE B 158 17.30 9.77 13.65
N GLU B 159 16.21 9.24 14.17
CA GLU B 159 15.34 8.37 13.40
C GLU B 159 14.19 9.13 12.75
N LEU B 160 13.85 8.75 11.53
CA LEU B 160 12.76 9.39 10.80
C LEU B 160 11.41 8.91 11.31
N GLN B 161 10.49 9.85 11.51
CA GLN B 161 9.15 9.52 11.99
C GLN B 161 8.20 9.30 10.82
N HIS B 162 8.44 10.01 9.72
CA HIS B 162 7.63 9.91 8.51
C HIS B 162 8.55 9.91 7.30
N PRO B 163 9.29 8.81 7.08
CA PRO B 163 10.21 8.69 5.97
C PRO B 163 9.65 9.00 4.58
N TYR B 164 8.38 8.68 4.36
CA TYR B 164 7.77 8.92 3.06
C TYR B 164 7.92 10.37 2.61
N VAL B 165 7.88 11.29 3.56
CA VAL B 165 8.01 12.73 3.28
C VAL B 165 9.31 13.29 3.85
N LEU B 166 10.22 12.40 4.22
CA LEU B 166 11.51 12.80 4.78
C LEU B 166 11.41 13.79 5.92
N ASP B 167 10.30 13.75 6.65
CA ASP B 167 10.09 14.67 7.77
C ASP B 167 10.25 16.12 7.35
N ALA B 168 10.07 16.39 6.06
CA ALA B 168 10.21 17.76 5.55
C ALA B 168 9.23 18.07 4.43
N GLY B 169 8.18 17.26 4.31
CA GLY B 169 7.17 17.50 3.29
C GLY B 169 7.57 17.27 1.85
N ILE B 170 8.68 16.55 1.63
CA ILE B 170 9.16 16.25 0.28
C ILE B 170 9.23 14.75 0.08
N PRO B 171 8.91 14.24 -1.12
CA PRO B 171 8.90 12.82 -1.44
C PRO B 171 10.26 12.14 -1.45
N ILE B 172 10.35 11.00 -0.79
CA ILE B 172 11.61 10.27 -0.74
C ILE B 172 11.83 9.57 -2.08
N SER B 173 10.76 9.36 -2.84
CA SER B 173 10.86 8.69 -4.13
C SER B 173 11.70 9.48 -5.11
N GLN B 174 11.91 10.77 -4.82
CA GLN B 174 12.70 11.64 -5.69
C GLN B 174 14.04 11.96 -5.09
N LEU B 175 14.32 11.38 -3.92
CA LEU B 175 15.57 11.62 -3.23
C LEU B 175 16.78 11.17 -4.04
N THR B 176 16.53 10.45 -5.13
CA THR B 176 17.62 9.97 -5.96
C THR B 176 18.19 11.02 -6.91
N VAL B 177 17.68 12.25 -6.85
CA VAL B 177 18.22 13.32 -7.70
C VAL B 177 19.44 13.87 -6.97
N CYS B 178 19.71 13.29 -5.80
CA CYS B 178 20.84 13.68 -4.98
C CYS B 178 21.88 12.59 -5.03
N PRO B 179 23.16 12.92 -4.79
CA PRO B 179 24.19 11.90 -4.82
C PRO B 179 23.76 10.76 -3.92
N HIS B 180 23.57 9.59 -4.48
CA HIS B 180 23.13 8.45 -3.68
C HIS B 180 23.73 7.15 -4.16
N GLN B 181 23.38 6.09 -3.44
CA GLN B 181 23.84 4.75 -3.77
C GLN B 181 22.93 3.83 -2.95
N TRP B 182 22.79 2.58 -3.38
CA TRP B 182 21.94 1.65 -2.64
C TRP B 182 22.76 0.52 -2.07
N ILE B 183 22.27 -0.07 -0.98
CA ILE B 183 22.93 -1.23 -0.41
C ILE B 183 21.88 -2.33 -0.52
N ASN B 184 22.01 -3.14 -1.57
CA ASN B 184 21.10 -4.24 -1.81
C ASN B 184 21.88 -5.45 -1.32
N LEU B 185 21.44 -6.02 -0.20
CA LEU B 185 22.14 -7.15 0.41
C LEU B 185 22.55 -8.30 -0.50
N ARG B 186 21.81 -8.53 -1.59
CA ARG B 186 22.16 -9.62 -2.50
C ARG B 186 23.25 -9.19 -3.47
N THR B 187 23.59 -7.91 -3.43
CA THR B 187 24.60 -7.35 -4.33
C THR B 187 25.83 -6.75 -3.68
N ASN B 188 25.64 -5.76 -2.83
CA ASN B 188 26.76 -5.12 -2.16
C ASN B 188 26.53 -4.98 -0.68
N ASN B 189 27.59 -4.68 0.07
CA ASN B 189 27.47 -4.52 1.51
C ASN B 189 27.97 -3.16 1.99
N CYS B 190 28.00 -2.18 1.09
CA CYS B 190 28.45 -0.84 1.45
C CYS B 190 28.20 0.17 0.33
N ALA B 191 28.15 1.44 0.72
CA ALA B 191 27.94 2.53 -0.21
C ALA B 191 29.01 3.59 0.05
N THR B 192 29.62 4.09 -1.02
CA THR B 192 30.65 5.12 -0.89
C THR B 192 30.27 6.34 -1.70
N ILE B 193 30.20 7.48 -1.04
CA ILE B 193 29.83 8.73 -1.69
C ILE B 193 30.84 9.81 -1.31
N ILE B 194 31.38 10.50 -2.31
CA ILE B 194 32.33 11.56 -2.06
C ILE B 194 31.63 12.89 -2.34
N VAL B 195 31.59 13.75 -1.33
CA VAL B 195 30.90 15.02 -1.43
C VAL B 195 31.84 16.23 -1.36
N PRO B 196 31.70 17.17 -2.29
CA PRO B 196 32.54 18.37 -2.31
C PRO B 196 31.91 19.38 -1.36
N TYR B 197 32.60 20.47 -1.05
CA TYR B 197 32.02 21.46 -0.17
C TYR B 197 30.93 22.19 -0.94
N MET B 198 29.71 22.15 -0.42
CA MET B 198 28.61 22.84 -1.07
C MET B 198 27.93 23.82 -0.14
N ASN B 199 27.94 25.08 -0.56
CA ASN B 199 27.34 26.16 0.21
C ASN B 199 27.44 27.39 -0.69
N THR B 200 26.72 28.45 -0.34
CA THR B 200 26.73 29.69 -1.12
C THR B 200 27.84 30.61 -0.64
N LEU B 201 28.63 30.12 0.31
CA LEU B 201 29.73 30.88 0.88
C LEU B 201 31.00 30.03 0.81
N PRO B 202 32.17 30.67 0.73
CA PRO B 202 33.43 29.92 0.66
C PRO B 202 33.76 29.19 1.97
N PHE B 203 33.36 29.78 3.10
CA PHE B 203 33.57 29.21 4.42
C PHE B 203 32.31 29.49 5.22
N ASP B 204 32.10 28.72 6.28
CA ASP B 204 30.93 28.94 7.14
C ASP B 204 31.19 28.27 8.49
N SER B 205 30.31 28.52 9.45
CA SER B 205 30.45 27.93 10.78
C SER B 205 30.08 26.45 10.78
N ALA B 206 30.92 25.64 11.43
CA ALA B 206 30.65 24.21 11.50
C ALA B 206 29.64 23.91 12.60
N LEU B 207 29.35 24.93 13.40
CA LEU B 207 28.42 24.79 14.50
C LEU B 207 26.98 25.19 14.16
N ASN B 208 26.81 26.38 13.59
CA ASN B 208 25.48 26.86 13.25
C ASN B 208 24.90 26.29 11.97
N HIS B 209 25.76 25.93 11.02
CA HIS B 209 25.28 25.45 9.74
C HIS B 209 25.67 24.02 9.40
N CYS B 210 24.71 23.27 8.84
CA CYS B 210 24.93 21.90 8.41
C CYS B 210 24.73 21.86 6.91
N ASN B 211 25.83 21.77 6.19
CA ASN B 211 25.82 21.77 4.72
C ASN B 211 24.92 20.74 4.08
N PHE B 212 24.83 19.54 4.66
CA PHE B 212 23.99 18.51 4.09
C PHE B 212 23.66 17.45 5.12
N GLY B 213 22.77 16.53 4.74
CA GLY B 213 22.39 15.47 5.65
C GLY B 213 22.53 14.13 4.96
N LEU B 214 22.92 13.11 5.74
CA LEU B 214 23.08 11.77 5.21
C LEU B 214 21.84 10.99 5.59
N LEU B 215 21.15 10.44 4.59
CA LEU B 215 19.95 9.67 4.84
C LEU B 215 20.16 8.21 4.50
N VAL B 216 19.81 7.33 5.43
CA VAL B 216 19.92 5.89 5.23
C VAL B 216 18.51 5.40 5.48
N VAL B 217 17.80 5.01 4.42
CA VAL B 217 16.43 4.57 4.56
C VAL B 217 16.10 3.23 3.89
N PRO B 218 15.44 2.32 4.62
CA PRO B 218 15.07 1.02 4.06
C PRO B 218 13.88 1.15 3.11
N ILE B 219 14.12 0.96 1.81
CA ILE B 219 13.03 1.06 0.84
C ILE B 219 12.41 -0.31 0.65
N SER B 220 13.23 -1.35 0.78
CA SER B 220 12.79 -2.73 0.68
C SER B 220 13.14 -3.32 2.04
N PRO B 221 12.11 -3.66 2.84
CA PRO B 221 12.30 -4.23 4.17
C PRO B 221 13.25 -5.41 4.31
N LEU B 222 13.96 -5.42 5.42
CA LEU B 222 14.90 -6.49 5.74
C LEU B 222 14.08 -7.72 6.06
N ASP B 223 14.54 -8.89 5.62
CA ASP B 223 13.81 -10.12 5.90
C ASP B 223 14.73 -11.32 5.86
N PHE B 224 14.38 -12.34 6.63
CA PHE B 224 15.14 -13.58 6.70
C PHE B 224 14.34 -14.60 7.50
N ASP B 225 14.73 -15.86 7.39
CA ASP B 225 14.03 -16.92 8.11
C ASP B 225 14.63 -17.10 9.50
N GLN B 226 13.80 -17.49 10.46
CA GLN B 226 14.25 -17.67 11.84
C GLN B 226 15.38 -18.70 11.91
N GLY B 227 16.51 -18.27 12.46
CA GLY B 227 17.67 -19.14 12.58
C GLY B 227 18.91 -18.41 12.08
N ALA B 228 18.70 -17.53 11.11
CA ALA B 228 19.78 -16.73 10.53
C ALA B 228 20.01 -15.60 11.53
N THR B 229 21.27 -15.19 11.74
CA THR B 229 21.53 -14.13 12.69
C THR B 229 20.59 -12.95 12.47
N PRO B 230 19.84 -12.55 13.51
CA PRO B 230 18.87 -11.46 13.50
C PRO B 230 19.42 -10.04 13.69
N VAL B 231 20.67 -9.93 14.12
CA VAL B 231 21.28 -8.62 14.34
C VAL B 231 22.06 -8.19 13.11
N ILE B 232 21.51 -7.23 12.38
CA ILE B 232 22.14 -6.71 11.17
C ILE B 232 22.42 -5.22 11.35
N PRO B 233 23.66 -4.88 11.74
CA PRO B 233 24.07 -3.49 11.95
C PRO B 233 24.36 -2.70 10.68
N ILE B 234 24.26 -1.39 10.81
CA ILE B 234 24.54 -0.45 9.72
C ILE B 234 25.53 0.53 10.35
N THR B 235 26.78 0.50 9.90
CA THR B 235 27.78 1.40 10.46
C THR B 235 28.14 2.54 9.51
N ILE B 236 28.33 3.72 10.07
CA ILE B 236 28.67 4.91 9.30
C ILE B 236 30.10 5.36 9.54
N THR B 237 30.90 5.36 8.49
CA THR B 237 32.29 5.80 8.58
C THR B 237 32.42 6.97 7.62
N LEU B 238 33.08 8.03 8.04
CA LEU B 238 33.22 9.21 7.20
C LEU B 238 34.53 9.94 7.42
N ALA B 239 35.07 10.53 6.35
CA ALA B 239 36.33 11.24 6.44
C ALA B 239 36.28 12.61 5.79
N PRO B 240 36.72 13.65 6.51
CA PRO B 240 36.71 14.99 5.94
C PRO B 240 37.76 15.03 4.83
N MET B 241 37.64 15.97 3.91
CA MET B 241 38.62 16.09 2.82
C MET B 241 38.89 17.55 2.53
N CYS B 242 40.16 17.91 2.39
CA CYS B 242 40.54 19.28 2.10
C CYS B 242 39.98 20.23 3.15
N SER B 243 40.12 19.86 4.41
CA SER B 243 39.63 20.68 5.52
C SER B 243 40.46 21.94 5.68
N GLU B 244 39.77 23.07 5.84
CA GLU B 244 40.40 24.37 6.04
C GLU B 244 39.64 25.08 7.15
N PHE B 245 40.36 25.75 8.05
CA PHE B 245 39.73 26.49 9.14
C PHE B 245 40.37 27.87 9.23
N ALA B 246 39.60 28.85 9.70
CA ALA B 246 40.11 30.22 9.83
C ALA B 246 39.32 30.96 10.91
N GLY B 247 39.81 32.12 11.32
CA GLY B 247 39.12 32.88 12.35
C GLY B 247 39.30 32.23 13.71
N LEU B 248 40.54 32.12 14.15
CA LEU B 248 40.87 31.48 15.43
C LEU B 248 40.49 32.30 16.65
N ARG B 249 40.07 31.59 17.69
CA ARG B 249 39.66 32.19 18.97
C ARG B 249 39.63 31.06 20.01
N GLN B 250 38.82 31.22 21.06
CA GLN B 250 38.73 30.18 22.07
C GLN B 250 37.76 29.10 21.61
N ALA B 251 37.77 27.95 22.25
CA ALA B 251 36.88 26.86 21.87
C ALA B 251 35.43 27.18 22.22
N VAL B 252 34.56 27.02 21.23
CA VAL B 252 33.13 27.26 21.40
C VAL B 252 32.41 25.96 21.08
N THR B 253 31.49 25.55 21.95
CA THR B 253 30.75 24.31 21.75
C THR B 253 29.52 24.50 20.88
N GLN B 254 28.91 25.68 20.97
CA GLN B 254 27.71 25.97 20.18
C GLN B 254 27.39 27.48 20.21
N GLY C 1 7.56 66.05 -32.59
CA GLY C 1 8.33 64.80 -32.39
C GLY C 1 8.23 63.85 -33.56
N PHE C 2 8.85 62.68 -33.43
CA PHE C 2 8.85 61.66 -34.47
C PHE C 2 7.47 61.03 -34.57
N PRO C 3 6.83 61.10 -35.75
CA PRO C 3 5.50 60.53 -35.98
C PRO C 3 5.37 59.04 -35.66
N THR C 4 4.56 58.70 -34.68
CA THR C 4 4.33 57.31 -34.31
C THR C 4 2.84 56.98 -34.34
N GLU C 5 2.50 55.70 -34.22
CA GLU C 5 1.09 55.28 -34.27
C GLU C 5 0.88 53.97 -33.47
N PRO C 6 0.59 54.06 -32.17
CA PRO C 6 0.36 52.90 -31.29
C PRO C 6 -0.68 51.91 -31.84
N LYS C 7 -0.35 50.62 -31.77
CA LYS C 7 -1.22 49.56 -32.28
C LYS C 7 -1.91 48.80 -31.15
N PRO C 8 -2.83 47.88 -31.49
CA PRO C 8 -3.52 47.11 -30.46
C PRO C 8 -2.46 46.37 -29.63
N GLY C 9 -2.73 46.18 -28.35
CA GLY C 9 -1.76 45.51 -27.50
C GLY C 9 -1.05 46.56 -26.66
N THR C 10 -1.36 47.83 -26.94
CA THR C 10 -0.78 48.94 -26.21
C THR C 10 -1.27 48.86 -24.76
N ASN C 11 -0.35 49.09 -23.82
CA ASN C 11 -0.65 49.08 -22.39
C ASN C 11 -0.96 47.71 -21.77
N GLN C 12 -1.13 46.68 -22.59
CA GLN C 12 -1.43 45.36 -22.02
C GLN C 12 -0.24 44.80 -21.27
N PHE C 13 -0.53 43.95 -20.29
CA PHE C 13 0.52 43.32 -19.50
C PHE C 13 0.47 41.83 -19.78
N LEU C 14 1.34 41.38 -20.68
CA LEU C 14 1.42 39.97 -21.03
C LEU C 14 2.42 39.30 -20.10
N THR C 15 1.93 38.38 -19.29
CA THR C 15 2.73 37.64 -18.33
C THR C 15 4.05 37.09 -18.86
N THR C 16 4.01 36.53 -20.07
CA THR C 16 5.19 35.93 -20.69
C THR C 16 5.95 36.82 -21.66
N ASP C 17 5.59 38.10 -21.76
CA ASP C 17 6.29 38.99 -22.66
C ASP C 17 7.69 39.22 -22.10
N ASP C 18 8.70 39.10 -22.96
CA ASP C 18 10.09 39.28 -22.56
C ASP C 18 10.64 40.63 -23.04
N GLY C 19 10.36 41.68 -22.29
CA GLY C 19 10.83 42.99 -22.68
C GLY C 19 11.82 43.60 -21.70
N VAL C 20 12.10 44.88 -21.90
CA VAL C 20 13.03 45.61 -21.05
C VAL C 20 12.24 46.41 -20.02
N SER C 21 12.83 46.63 -18.85
CA SER C 21 12.18 47.38 -17.77
C SER C 21 13.20 48.28 -17.08
N ALA C 22 12.78 49.47 -16.69
CA ALA C 22 13.68 50.41 -16.03
C ALA C 22 14.32 49.83 -14.78
N PRO C 23 15.66 49.92 -14.67
CA PRO C 23 16.37 49.38 -13.50
C PRO C 23 16.20 50.30 -12.30
N ILE C 24 15.92 49.72 -11.13
CA ILE C 24 15.70 50.50 -9.94
C ILE C 24 16.99 50.99 -9.29
N LEU C 25 18.07 50.24 -9.45
CA LEU C 25 19.34 50.63 -8.82
C LEU C 25 20.45 50.88 -9.82
N PRO C 26 20.73 52.16 -10.13
CA PRO C 26 21.79 52.52 -11.07
C PRO C 26 23.16 52.15 -10.55
N ASN C 27 24.00 51.62 -11.45
CA ASN C 27 25.36 51.22 -11.14
C ASN C 27 25.50 50.16 -10.06
N PHE C 28 24.43 49.44 -9.77
CA PHE C 28 24.49 48.39 -8.76
C PHE C 28 25.23 47.19 -9.35
N HIS C 29 26.10 46.58 -8.54
CA HIS C 29 26.84 45.40 -8.98
C HIS C 29 26.60 44.24 -8.01
N PRO C 30 26.06 43.12 -8.52
CA PRO C 30 25.76 41.94 -7.72
C PRO C 30 26.95 41.21 -7.11
N THR C 31 26.68 40.49 -6.02
CA THR C 31 27.71 39.72 -5.34
C THR C 31 28.27 38.73 -6.35
N PRO C 32 29.61 38.60 -6.43
CA PRO C 32 30.25 37.67 -7.36
C PRO C 32 29.65 36.28 -7.20
N CYS C 33 29.63 35.51 -8.28
CA CYS C 33 29.09 34.17 -8.18
C CYS C 33 30.19 33.13 -7.95
N ILE C 34 30.19 32.58 -6.74
CA ILE C 34 31.15 31.55 -6.34
C ILE C 34 30.83 30.32 -7.18
N HIS C 35 31.65 29.29 -7.06
CA HIS C 35 31.36 28.07 -7.78
C HIS C 35 30.51 27.20 -6.87
N ILE C 36 29.37 26.74 -7.36
CA ILE C 36 28.50 25.89 -6.56
C ILE C 36 28.24 24.58 -7.31
N PRO C 37 28.37 23.45 -6.61
CA PRO C 37 28.13 22.14 -7.23
C PRO C 37 26.68 21.91 -7.63
N GLY C 38 26.48 21.02 -8.60
CA GLY C 38 25.13 20.67 -9.02
C GLY C 38 24.32 21.70 -9.76
N GLU C 39 24.95 22.49 -10.62
CA GLU C 39 24.22 23.49 -11.38
C GLU C 39 23.41 22.84 -12.50
N VAL C 40 22.16 23.28 -12.63
CA VAL C 40 21.26 22.77 -13.66
C VAL C 40 21.18 23.77 -14.82
N ARG C 41 21.21 23.26 -16.04
CA ARG C 41 21.16 24.10 -17.24
C ARG C 41 19.85 23.92 -18.01
N ASN C 42 19.31 22.70 -17.95
CA ASN C 42 18.08 22.36 -18.65
C ASN C 42 17.29 21.34 -17.83
N LEU C 43 15.96 21.47 -17.78
CA LEU C 43 15.14 20.55 -17.00
C LEU C 43 15.22 19.12 -17.49
N LEU C 44 15.57 18.91 -18.75
CA LEU C 44 15.67 17.56 -19.28
C LEU C 44 16.75 16.77 -18.56
N GLU C 45 17.66 17.47 -17.91
CA GLU C 45 18.72 16.82 -17.15
C GLU C 45 18.09 16.05 -15.99
N LEU C 46 16.98 16.58 -15.47
CA LEU C 46 16.27 15.97 -14.35
C LEU C 46 15.33 14.85 -14.78
N CYS C 47 14.82 14.94 -16.00
CA CYS C 47 13.90 13.94 -16.52
C CYS C 47 14.61 12.62 -16.78
N GLN C 48 15.94 12.64 -16.80
CA GLN C 48 16.71 11.44 -17.05
C GLN C 48 17.19 10.75 -15.77
N VAL C 49 16.90 11.36 -14.63
CA VAL C 49 17.27 10.79 -13.34
C VAL C 49 16.10 9.95 -12.85
N GLU C 50 16.37 8.68 -12.57
CA GLU C 50 15.33 7.77 -12.11
C GLU C 50 14.87 8.06 -10.70
N THR C 51 13.55 8.05 -10.52
CA THR C 51 12.93 8.27 -9.22
C THR C 51 11.93 7.14 -9.05
N ILE C 52 11.65 6.78 -7.80
CA ILE C 52 10.74 5.67 -7.51
C ILE C 52 9.34 5.82 -8.07
N LEU C 53 8.93 4.82 -8.84
CA LEU C 53 7.61 4.78 -9.46
C LEU C 53 6.67 3.99 -8.56
N GLU C 54 5.61 4.64 -8.08
CA GLU C 54 4.65 4.00 -7.21
C GLU C 54 3.66 3.09 -7.96
N VAL C 55 4.14 1.93 -8.38
CA VAL C 55 3.31 0.97 -9.10
C VAL C 55 2.21 0.46 -8.16
N ASN C 56 2.57 0.29 -6.89
CA ASN C 56 1.62 -0.19 -5.89
C ASN C 56 0.90 0.98 -5.22
N ASN C 57 0.23 1.80 -6.02
CA ASN C 57 -0.50 2.94 -5.51
C ASN C 57 -1.88 2.53 -5.03
N VAL C 58 -1.90 1.62 -4.06
CA VAL C 58 -3.14 1.11 -3.50
C VAL C 58 -3.36 1.58 -2.05
N PRO C 59 -2.40 1.31 -1.15
CA PRO C 59 -2.51 1.72 0.26
C PRO C 59 -2.65 3.23 0.43
N THR C 60 -3.69 3.68 1.15
CA THR C 60 -3.89 5.09 1.38
C THR C 60 -3.87 5.34 2.89
N ASN C 61 -3.83 4.25 3.65
CA ASN C 61 -3.78 4.28 5.10
C ASN C 61 -2.65 5.22 5.53
N ALA C 62 -2.76 5.78 6.72
CA ALA C 62 -1.73 6.69 7.23
C ALA C 62 -0.38 6.00 7.48
N THR C 63 -0.45 4.78 8.01
CA THR C 63 0.73 3.98 8.34
C THR C 63 1.28 3.17 7.17
N SER C 64 0.48 3.02 6.12
CA SER C 64 0.88 2.22 4.97
C SER C 64 1.33 2.97 3.74
N LEU C 65 1.65 4.26 3.87
CA LEU C 65 2.07 5.04 2.71
C LEU C 65 3.43 4.60 2.15
N MET C 66 4.34 4.19 3.03
CA MET C 66 5.66 3.78 2.58
C MET C 66 5.66 2.51 1.75
N GLU C 67 4.55 1.78 1.72
CA GLU C 67 4.52 0.56 0.94
C GLU C 67 4.01 0.72 -0.47
N ARG C 68 3.82 1.96 -0.92
CA ARG C 68 3.36 2.18 -2.28
C ARG C 68 4.63 2.22 -3.12
N LEU C 69 5.76 2.36 -2.43
CA LEU C 69 7.06 2.45 -3.09
C LEU C 69 7.61 1.12 -3.60
N ARG C 70 6.94 0.01 -3.29
CA ARG C 70 7.40 -1.29 -3.75
C ARG C 70 6.27 -2.31 -3.82
N PHE C 71 6.34 -3.23 -4.77
CA PHE C 71 5.30 -4.24 -4.89
C PHE C 71 5.86 -5.65 -4.70
N PRO C 72 5.06 -6.56 -4.13
CA PRO C 72 5.40 -7.95 -3.84
C PRO C 72 5.47 -8.93 -4.99
N VAL C 73 6.27 -9.97 -4.75
CA VAL C 73 6.47 -11.07 -5.68
C VAL C 73 6.68 -12.28 -4.75
N SER C 74 6.13 -13.43 -5.08
CA SER C 74 6.27 -14.60 -4.22
C SER C 74 6.02 -15.92 -4.94
N ALA C 75 6.30 -17.02 -4.26
CA ALA C 75 6.10 -18.35 -4.83
C ALA C 75 4.66 -18.53 -5.27
N GLN C 76 4.49 -18.95 -6.52
CA GLN C 76 3.15 -19.14 -7.11
C GLN C 76 2.81 -20.61 -7.38
N ALA C 77 1.86 -20.80 -8.31
CA ALA C 77 1.39 -22.11 -8.72
C ALA C 77 1.90 -22.52 -10.12
N GLY C 78 2.71 -21.65 -10.72
CA GLY C 78 3.31 -21.94 -12.03
C GLY C 78 2.46 -21.89 -13.29
N LYS C 79 1.54 -20.94 -13.36
CA LYS C 79 0.69 -20.82 -14.54
C LYS C 79 0.81 -19.43 -15.16
N GLY C 80 2.02 -18.86 -15.10
CA GLY C 80 2.25 -17.54 -15.65
C GLY C 80 1.29 -16.50 -15.08
N GLU C 81 1.21 -16.45 -13.75
CA GLU C 81 0.33 -15.52 -13.06
C GLU C 81 0.71 -14.07 -13.27
N LEU C 82 -0.27 -13.19 -13.19
CA LEU C 82 -0.05 -11.76 -13.35
C LEU C 82 0.48 -11.22 -12.03
N CYS C 83 1.46 -10.32 -12.12
CA CYS C 83 2.05 -9.73 -10.92
C CYS C 83 1.53 -8.32 -10.68
N ALA C 84 1.76 -7.43 -11.64
CA ALA C 84 1.32 -6.04 -11.53
C ALA C 84 1.04 -5.45 -12.90
N VAL C 85 0.31 -4.34 -12.91
CA VAL C 85 -0.08 -3.67 -14.14
C VAL C 85 -0.16 -2.16 -13.94
N PHE C 86 0.13 -1.40 -14.99
CA PHE C 86 0.04 0.05 -14.90
C PHE C 86 0.17 0.71 -16.26
N ARG C 87 -0.44 1.89 -16.44
CA ARG C 87 -0.35 2.61 -17.70
C ARG C 87 1.03 3.22 -17.83
N ALA C 88 1.54 3.29 -19.05
CA ALA C 88 2.86 3.86 -19.28
C ALA C 88 2.82 5.37 -19.40
N ASP C 89 1.62 5.95 -19.40
CA ASP C 89 1.43 7.40 -19.52
C ASP C 89 2.08 8.20 -18.39
N PRO C 90 3.12 8.99 -18.70
CA PRO C 90 3.89 9.84 -17.78
C PRO C 90 3.14 10.98 -17.09
N GLY C 91 2.38 11.76 -17.87
CA GLY C 91 1.66 12.87 -17.30
C GLY C 91 0.21 12.59 -16.96
N ARG C 92 -0.07 11.34 -16.62
CA ARG C 92 -1.43 10.92 -16.29
C ARG C 92 -1.52 10.51 -14.83
N ASP C 93 -2.70 10.69 -14.23
CA ASP C 93 -2.90 10.32 -12.83
C ASP C 93 -2.61 8.82 -12.70
N GLY C 94 -1.79 8.48 -11.70
CA GLY C 94 -1.44 7.10 -11.49
C GLY C 94 -0.08 6.96 -10.85
N PRO C 95 0.62 5.85 -11.14
CA PRO C 95 1.96 5.56 -10.60
C PRO C 95 3.04 6.60 -10.93
N TRP C 96 3.03 7.10 -12.16
CA TRP C 96 4.04 8.08 -12.57
C TRP C 96 4.01 9.40 -11.82
N GLN C 97 2.96 9.66 -11.07
CA GLN C 97 2.85 10.91 -10.33
C GLN C 97 3.87 11.02 -9.20
N SER C 98 4.45 9.90 -8.80
CA SER C 98 5.42 9.89 -7.73
C SER C 98 6.83 10.17 -8.24
N THR C 99 7.00 10.17 -9.56
CA THR C 99 8.32 10.40 -10.16
C THR C 99 8.58 11.85 -10.52
N MET C 100 9.85 12.20 -10.58
CA MET C 100 10.28 13.56 -10.92
C MET C 100 9.87 13.85 -12.36
N LEU C 101 9.95 12.83 -13.21
CA LEU C 101 9.59 12.98 -14.60
C LEU C 101 8.11 13.35 -14.70
N GLY C 102 7.28 12.60 -13.97
CA GLY C 102 5.85 12.85 -13.98
C GLY C 102 5.53 14.24 -13.47
N GLN C 103 6.30 14.70 -12.50
CA GLN C 103 6.09 16.02 -11.93
C GLN C 103 6.49 17.14 -12.88
N LEU C 104 7.60 16.97 -13.57
CA LEU C 104 8.07 17.99 -14.51
C LEU C 104 7.15 18.02 -15.73
N CYS C 105 6.61 16.87 -16.10
CA CYS C 105 5.68 16.79 -17.22
C CYS C 105 4.49 17.69 -16.94
N GLY C 106 4.01 17.67 -15.70
CA GLY C 106 2.87 18.48 -15.32
C GLY C 106 3.01 19.93 -15.72
N TYR C 107 4.25 20.39 -15.91
CA TYR C 107 4.50 21.77 -16.30
C TYR C 107 4.57 21.99 -17.80
N TYR C 108 4.40 20.93 -18.58
CA TYR C 108 4.42 21.03 -20.03
C TYR C 108 3.23 20.34 -20.65
N THR C 109 2.67 20.94 -21.68
CA THR C 109 1.50 20.39 -22.35
C THR C 109 1.80 19.15 -23.17
N GLN C 110 2.96 19.13 -23.83
CA GLN C 110 3.34 18.01 -24.68
C GLN C 110 4.72 17.45 -24.43
N TRP C 111 4.89 16.17 -24.72
CA TRP C 111 6.16 15.49 -24.57
C TRP C 111 6.37 14.51 -25.70
N SER C 112 7.61 14.05 -25.87
CA SER C 112 7.96 13.12 -26.93
C SER C 112 9.21 12.37 -26.52
N GLY C 113 9.31 11.11 -26.90
CA GLY C 113 10.50 10.35 -26.56
C GLY C 113 10.26 9.03 -25.87
N SER C 114 11.31 8.22 -25.78
CA SER C 114 11.20 6.93 -25.15
C SER C 114 11.33 7.07 -23.64
N LEU C 115 10.72 6.15 -22.91
CA LEU C 115 10.77 6.18 -21.46
C LEU C 115 11.43 4.89 -21.05
N GLU C 116 11.86 4.81 -19.81
CA GLU C 116 12.49 3.59 -19.32
C GLU C 116 12.11 3.35 -17.87
N VAL C 117 11.93 2.08 -17.52
CA VAL C 117 11.58 1.71 -16.16
C VAL C 117 12.52 0.61 -15.73
N THR C 118 13.24 0.86 -14.64
CA THR C 118 14.18 -0.11 -14.11
C THR C 118 13.58 -0.76 -12.87
N PHE C 119 13.56 -2.09 -12.86
CA PHE C 119 13.02 -2.85 -11.74
C PHE C 119 14.14 -3.47 -10.94
N MET C 120 14.18 -3.17 -9.64
CA MET C 120 15.20 -3.73 -8.77
C MET C 120 14.59 -4.76 -7.83
N PHE C 121 15.12 -5.98 -7.86
CA PHE C 121 14.64 -7.06 -7.01
C PHE C 121 15.34 -6.98 -5.66
N THR C 122 14.56 -6.86 -4.58
CA THR C 122 15.14 -6.76 -3.25
C THR C 122 14.90 -8.00 -2.41
N GLY C 123 14.85 -9.16 -3.05
CA GLY C 123 14.65 -10.40 -2.31
C GLY C 123 15.98 -10.80 -1.71
N SER C 124 16.12 -12.06 -1.31
CA SER C 124 17.38 -12.53 -0.74
C SER C 124 18.29 -13.10 -1.82
N PHE C 125 19.55 -13.31 -1.49
CA PHE C 125 20.51 -13.84 -2.45
C PHE C 125 20.12 -15.24 -2.94
N MET C 126 19.46 -16.01 -2.08
CA MET C 126 19.07 -17.37 -2.42
C MET C 126 17.81 -17.45 -3.29
N ALA C 127 17.08 -16.35 -3.41
CA ALA C 127 15.86 -16.32 -4.20
C ALA C 127 16.17 -16.21 -5.70
N THR C 128 15.47 -17.02 -6.50
CA THR C 128 15.66 -17.01 -7.95
C THR C 128 14.31 -16.75 -8.62
N GLY C 129 14.33 -16.52 -9.91
CA GLY C 129 13.09 -16.27 -10.62
C GLY C 129 13.26 -15.55 -11.94
N LYS C 130 12.27 -15.68 -12.81
CA LYS C 130 12.27 -15.03 -14.10
C LYS C 130 10.91 -14.38 -14.29
N MET C 131 10.91 -13.11 -14.67
CA MET C 131 9.67 -12.38 -14.89
C MET C 131 9.62 -11.95 -16.35
N LEU C 132 8.44 -11.58 -16.81
CA LEU C 132 8.27 -11.11 -18.18
C LEU C 132 7.58 -9.76 -18.09
N ILE C 133 8.32 -8.69 -18.34
CA ILE C 133 7.76 -7.33 -18.31
C ILE C 133 7.37 -7.03 -19.74
N ALA C 134 6.09 -6.71 -19.97
CA ALA C 134 5.65 -6.42 -21.33
C ALA C 134 5.04 -5.05 -21.47
N TYR C 135 5.27 -4.44 -22.63
CA TYR C 135 4.74 -3.13 -22.96
C TYR C 135 3.79 -3.29 -24.14
N THR C 136 2.53 -2.95 -23.93
CA THR C 136 1.52 -3.08 -24.98
C THR C 136 1.16 -1.74 -25.61
N PRO C 137 1.60 -1.49 -26.85
CA PRO C 137 1.31 -0.24 -27.55
C PRO C 137 -0.19 0.05 -27.57
N PRO C 138 -0.56 1.30 -27.93
CA PRO C 138 -1.97 1.71 -27.99
C PRO C 138 -2.91 0.77 -28.74
N GLY C 139 -4.16 0.74 -28.31
CA GLY C 139 -5.14 -0.10 -28.95
C GLY C 139 -5.24 -1.48 -28.31
N GLY C 140 -4.11 -1.97 -27.82
CA GLY C 140 -4.10 -3.28 -27.19
C GLY C 140 -4.72 -3.25 -25.81
N PRO C 141 -5.86 -3.93 -25.61
CA PRO C 141 -6.50 -3.93 -24.29
C PRO C 141 -5.59 -4.65 -23.30
N LEU C 142 -5.81 -4.42 -22.02
CA LEU C 142 -5.00 -5.05 -20.98
C LEU C 142 -4.93 -6.55 -21.24
N PRO C 143 -3.74 -7.07 -21.63
CA PRO C 143 -3.60 -8.50 -21.90
C PRO C 143 -4.17 -9.38 -20.79
N LYS C 144 -5.06 -10.30 -21.19
CA LYS C 144 -5.72 -11.20 -20.26
C LYS C 144 -4.79 -12.25 -19.66
N ASP C 145 -3.78 -12.65 -20.43
CA ASP C 145 -2.81 -13.65 -19.97
C ASP C 145 -1.42 -13.37 -20.52
N ARG C 146 -0.42 -14.11 -20.04
CA ARG C 146 0.95 -13.92 -20.48
C ARG C 146 1.13 -14.18 -21.96
N ALA C 147 0.42 -15.17 -22.47
CA ALA C 147 0.50 -15.55 -23.89
C ALA C 147 0.06 -14.41 -24.80
N THR C 148 -0.68 -13.45 -24.24
CA THR C 148 -1.16 -12.31 -25.01
C THR C 148 -0.22 -11.13 -24.82
N ALA C 149 0.27 -10.98 -23.59
CA ALA C 149 1.18 -9.90 -23.26
C ALA C 149 2.51 -10.03 -23.99
N MET C 150 2.97 -11.26 -24.15
CA MET C 150 4.25 -11.51 -24.80
C MET C 150 4.27 -11.16 -26.28
N LEU C 151 3.11 -10.83 -26.85
CA LEU C 151 3.04 -10.47 -28.26
C LEU C 151 3.49 -9.03 -28.53
N GLY C 152 3.69 -8.26 -27.47
CA GLY C 152 4.12 -6.89 -27.61
C GLY C 152 5.57 -6.75 -27.22
N THR C 153 6.03 -5.51 -27.05
CA THR C 153 7.41 -5.27 -26.67
C THR C 153 7.62 -5.81 -25.27
N HIS C 154 8.64 -6.62 -25.07
CA HIS C 154 8.87 -7.17 -23.73
C HIS C 154 10.32 -7.57 -23.47
N VAL C 155 10.56 -7.97 -22.23
CA VAL C 155 11.88 -8.40 -21.80
C VAL C 155 11.74 -9.45 -20.69
N ILE C 156 12.42 -10.58 -20.85
CA ILE C 156 12.39 -11.63 -19.83
C ILE C 156 13.53 -11.30 -18.86
N TRP C 157 13.17 -11.07 -17.61
CA TRP C 157 14.13 -10.71 -16.56
C TRP C 157 14.54 -11.89 -15.69
N ASP C 158 15.85 -12.13 -15.58
CA ASP C 158 16.36 -13.22 -14.77
C ASP C 158 17.05 -12.65 -13.53
N PHE C 159 16.56 -13.01 -12.33
CA PHE C 159 17.16 -12.54 -11.09
C PHE C 159 18.57 -13.13 -10.93
N GLY C 160 19.52 -12.29 -10.52
CA GLY C 160 20.87 -12.76 -10.34
C GLY C 160 21.74 -11.70 -9.70
N LEU C 161 23.05 -11.82 -9.84
CA LEU C 161 23.97 -10.84 -9.27
C LEU C 161 23.55 -9.42 -9.62
N GLN C 162 23.18 -9.21 -10.89
CA GLN C 162 22.72 -7.90 -11.33
C GLN C 162 21.27 -7.85 -10.89
N SER C 163 21.02 -7.13 -9.80
CA SER C 163 19.69 -7.01 -9.22
C SER C 163 18.59 -6.41 -10.08
N SER C 164 18.94 -5.48 -10.95
CA SER C 164 17.94 -4.81 -11.78
C SER C 164 17.92 -5.14 -13.26
N VAL C 165 16.83 -4.74 -13.91
CA VAL C 165 16.64 -4.94 -15.34
C VAL C 165 15.90 -3.70 -15.82
N THR C 166 16.14 -3.31 -17.07
CA THR C 166 15.49 -2.12 -17.59
C THR C 166 14.53 -2.41 -18.73
N LEU C 167 13.28 -1.99 -18.55
CA LEU C 167 12.29 -2.16 -19.60
C LEU C 167 12.28 -0.83 -20.32
N VAL C 168 12.60 -0.82 -21.61
CA VAL C 168 12.56 0.42 -22.34
C VAL C 168 11.22 0.49 -23.05
N ILE C 169 10.50 1.59 -22.79
CA ILE C 169 9.19 1.82 -23.41
C ILE C 169 9.51 2.70 -24.60
N PRO C 170 9.84 2.10 -25.74
CA PRO C 170 10.17 2.84 -26.94
C PRO C 170 9.08 3.80 -27.37
N TRP C 171 9.49 4.91 -27.97
CA TRP C 171 8.55 5.90 -28.45
C TRP C 171 7.84 5.35 -29.67
N ILE C 172 6.64 4.83 -29.46
CA ILE C 172 5.85 4.29 -30.55
C ILE C 172 4.55 5.10 -30.57
N SER C 173 4.55 6.16 -31.36
CA SER C 173 3.40 7.05 -31.45
C SER C 173 3.06 7.37 -32.90
N ASN C 174 1.84 7.84 -33.12
CA ASN C 174 1.43 8.21 -34.47
C ASN C 174 1.80 9.68 -34.68
N THR C 175 1.67 10.46 -33.61
CA THR C 175 2.01 11.89 -33.63
C THR C 175 3.43 12.12 -33.13
N HIS C 176 4.03 13.24 -33.53
CA HIS C 176 5.40 13.56 -33.10
C HIS C 176 5.46 13.86 -31.61
N TYR C 177 4.37 14.42 -31.08
CA TYR C 177 4.29 14.74 -29.67
C TYR C 177 2.97 14.21 -29.11
N ARG C 178 2.93 14.03 -27.79
CA ARG C 178 1.74 13.56 -27.10
C ARG C 178 1.36 14.59 -26.06
N ALA C 179 0.07 14.92 -25.97
CA ALA C 179 -0.38 15.85 -24.95
C ALA C 179 -0.71 14.90 -23.81
N HIS C 180 -0.93 15.42 -22.61
CA HIS C 180 -1.24 14.54 -21.50
C HIS C 180 -2.52 13.75 -21.72
N ALA C 181 -2.45 12.44 -21.49
CA ALA C 181 -3.60 11.56 -21.66
C ALA C 181 -4.48 11.56 -20.42
N ARG C 182 -5.79 11.65 -20.63
CA ARG C 182 -6.77 11.64 -19.56
C ARG C 182 -7.86 10.70 -20.04
N ASP C 183 -8.85 10.42 -19.18
CA ASP C 183 -9.94 9.55 -19.58
C ASP C 183 -10.78 10.28 -20.62
N GLY C 184 -11.40 9.53 -21.53
CA GLY C 184 -12.20 10.16 -22.55
C GLY C 184 -11.47 10.40 -23.85
N VAL C 185 -11.75 11.53 -24.48
CA VAL C 185 -11.15 11.89 -25.75
C VAL C 185 -9.63 11.94 -25.78
N PHE C 186 -9.01 12.50 -24.73
CA PHE C 186 -7.55 12.60 -24.71
C PHE C 186 -6.86 11.27 -24.46
N ASP C 187 -7.62 10.18 -24.45
CA ASP C 187 -7.03 8.86 -24.24
C ASP C 187 -6.40 8.50 -25.60
N TYR C 188 -6.52 9.44 -26.53
CA TYR C 188 -5.98 9.33 -27.88
C TYR C 188 -4.47 9.32 -27.79
N TYR C 189 -3.95 10.00 -26.76
CA TYR C 189 -2.52 10.12 -26.53
C TYR C 189 -1.97 9.10 -25.53
N THR C 190 -2.71 8.03 -25.30
CA THR C 190 -2.24 7.03 -24.36
C THR C 190 -0.97 6.40 -24.93
N THR C 191 -0.05 6.02 -24.05
CA THR C 191 1.21 5.40 -24.43
C THR C 191 1.08 3.89 -24.53
N GLY C 192 0.23 3.33 -23.67
CA GLY C 192 0.05 1.90 -23.68
C GLY C 192 -0.02 1.36 -22.25
N LEU C 193 0.28 0.07 -22.09
CA LEU C 193 0.22 -0.57 -20.79
C LEU C 193 1.44 -1.41 -20.50
N VAL C 194 1.83 -1.48 -19.23
CA VAL C 194 2.96 -2.29 -18.81
C VAL C 194 2.39 -3.35 -17.88
N SER C 195 2.90 -4.58 -17.97
CA SER C 195 2.42 -5.65 -17.12
C SER C 195 3.52 -6.65 -16.82
N ILE C 196 3.68 -6.99 -15.54
CA ILE C 196 4.70 -7.95 -15.13
C ILE C 196 4.06 -9.32 -14.91
N TRP C 197 4.63 -10.35 -15.52
CA TRP C 197 4.13 -11.72 -15.38
C TRP C 197 5.23 -12.64 -14.90
N TYR C 198 4.86 -13.80 -14.37
CA TYR C 198 5.88 -14.75 -13.91
C TYR C 198 6.27 -15.58 -15.13
N GLN C 199 7.52 -15.50 -15.55
CA GLN C 199 7.96 -16.29 -16.68
C GLN C 199 8.02 -17.73 -16.20
N THR C 200 8.65 -17.94 -15.06
CA THR C 200 8.73 -19.27 -14.47
C THR C 200 8.10 -19.20 -13.08
N ASN C 201 8.91 -18.89 -12.07
CA ASN C 201 8.40 -18.81 -10.70
C ASN C 201 9.46 -18.31 -9.73
N TYR C 202 9.01 -17.77 -8.61
CA TYR C 202 9.87 -17.27 -7.55
C TYR C 202 10.24 -18.50 -6.73
N VAL C 203 11.48 -18.97 -6.86
CA VAL C 203 11.93 -20.16 -6.14
C VAL C 203 12.87 -19.81 -5.00
N VAL C 204 12.74 -20.51 -3.88
CA VAL C 204 13.57 -20.22 -2.72
C VAL C 204 13.77 -21.49 -1.88
N PRO C 205 14.90 -21.59 -1.12
CA PRO C 205 15.20 -22.75 -0.28
C PRO C 205 14.48 -22.65 1.06
N ILE C 206 14.73 -23.61 1.94
CA ILE C 206 14.12 -23.55 3.26
C ILE C 206 14.96 -22.56 4.04
N GLY C 207 14.32 -21.69 4.81
CA GLY C 207 15.07 -20.73 5.59
C GLY C 207 15.07 -19.32 5.01
N ALA C 208 14.59 -19.18 3.79
CA ALA C 208 14.54 -17.89 3.13
C ALA C 208 13.08 -17.46 2.98
N PRO C 209 12.80 -16.15 3.13
CA PRO C 209 11.46 -15.55 3.02
C PRO C 209 10.69 -15.95 1.76
N ASN C 210 9.40 -16.22 1.91
CA ASN C 210 8.56 -16.62 0.78
C ASN C 210 8.01 -15.44 -0.01
N THR C 211 8.27 -14.23 0.48
CA THR C 211 7.80 -13.01 -0.17
C THR C 211 8.91 -11.97 -0.21
N ALA C 212 9.16 -11.42 -1.39
CA ALA C 212 10.17 -10.40 -1.58
C ALA C 212 9.53 -9.24 -2.33
N TYR C 213 10.18 -8.09 -2.38
CA TYR C 213 9.61 -6.94 -3.08
C TYR C 213 10.47 -6.43 -4.22
N ILE C 214 9.81 -5.74 -5.15
CA ILE C 214 10.48 -5.15 -6.29
C ILE C 214 10.26 -3.65 -6.24
N ILE C 215 11.28 -2.88 -6.57
CA ILE C 215 11.16 -1.43 -6.57
C ILE C 215 11.34 -0.95 -7.99
N ALA C 216 10.37 -0.21 -8.50
CA ALA C 216 10.46 0.31 -9.86
C ALA C 216 10.93 1.76 -9.86
N LEU C 217 11.91 2.05 -10.71
CA LEU C 217 12.45 3.40 -10.83
C LEU C 217 12.24 3.82 -12.28
N ALA C 218 11.69 5.01 -12.50
CA ALA C 218 11.43 5.45 -13.87
C ALA C 218 12.02 6.79 -14.24
N ALA C 219 12.33 6.94 -15.53
CA ALA C 219 12.91 8.16 -16.07
C ALA C 219 12.72 8.19 -17.58
N ALA C 220 13.30 9.20 -18.22
CA ALA C 220 13.20 9.35 -19.67
C ALA C 220 14.52 9.01 -20.37
N GLN C 221 14.45 8.82 -21.67
CA GLN C 221 15.64 8.50 -22.46
C GLN C 221 16.25 9.79 -23.00
N LYS C 222 17.34 9.66 -23.74
CA LYS C 222 18.04 10.81 -24.30
C LYS C 222 17.24 11.53 -25.40
N ASN C 223 16.25 10.86 -25.97
CA ASN C 223 15.47 11.48 -27.04
C ASN C 223 14.17 12.12 -26.53
N PHE C 224 14.04 12.19 -25.22
CA PHE C 224 12.86 12.78 -24.59
C PHE C 224 12.92 14.30 -24.65
N THR C 225 11.78 14.90 -24.98
CA THR C 225 11.65 16.35 -25.11
C THR C 225 10.25 16.79 -24.67
N MET C 226 10.13 18.02 -24.20
CA MET C 226 8.83 18.55 -23.78
C MET C 226 8.63 19.95 -24.35
N LYS C 227 7.39 20.35 -24.57
CA LYS C 227 7.13 21.68 -25.09
C LYS C 227 5.78 22.26 -24.64
N LEU C 228 5.67 23.59 -24.73
CA LEU C 228 4.48 24.34 -24.36
C LEU C 228 4.19 24.34 -22.87
N CYS C 229 4.86 25.24 -22.15
CA CYS C 229 4.71 25.38 -20.70
C CYS C 229 3.29 25.71 -20.27
N LYS C 230 2.88 25.14 -19.14
CA LYS C 230 1.57 25.36 -18.56
C LYS C 230 1.73 25.13 -17.06
N ASP C 231 0.67 25.32 -16.29
CA ASP C 231 0.75 25.10 -14.85
C ASP C 231 0.36 23.67 -14.50
N THR C 232 0.95 23.11 -13.43
CA THR C 232 0.62 21.75 -13.04
C THR C 232 -0.85 21.68 -12.72
N SER C 233 -1.44 20.51 -12.87
CA SER C 233 -2.85 20.33 -12.60
C SER C 233 -3.25 20.64 -11.16
N HIS C 234 -2.30 20.51 -10.23
CA HIS C 234 -2.59 20.76 -8.82
C HIS C 234 -1.90 21.96 -8.19
N ILE C 235 -2.59 22.63 -7.29
CA ILE C 235 -2.06 23.78 -6.57
C ILE C 235 -2.10 23.44 -5.08
N LEU C 236 -0.91 23.22 -4.50
CA LEU C 236 -0.78 22.85 -3.10
C LEU C 236 -1.06 23.98 -2.12
N GLN C 237 -2.33 24.34 -2.01
CA GLN C 237 -2.78 25.42 -1.14
C GLN C 237 -4.30 25.36 -1.12
N THR C 238 -4.90 25.63 0.03
CA THR C 238 -6.35 25.62 0.16
C THR C 238 -6.82 27.01 0.54
N ALA C 239 -6.24 27.54 1.62
CA ALA C 239 -6.57 28.87 2.09
C ALA C 239 -5.30 29.69 1.92
N SER C 240 -5.33 30.96 2.29
CA SER C 240 -4.13 31.79 2.17
C SER C 240 -3.03 31.16 3.01
N ILE C 241 -1.79 31.27 2.54
CA ILE C 241 -0.64 30.74 3.26
C ILE C 241 -0.21 31.84 4.22
N GLN C 242 -0.20 31.52 5.51
CA GLN C 242 0.16 32.49 6.55
C GLN C 242 1.67 32.64 6.84
N UNK D 1 -15.08 -20.28 -18.98
CA UNK D 1 -14.79 -20.92 -17.69
C UNK D 1 -14.57 -22.36 -18.06
N UNK D 2 -13.64 -23.11 -17.43
CA UNK D 2 -13.57 -24.55 -17.79
C UNK D 2 -14.53 -25.23 -16.81
N UNK D 3 -15.32 -26.19 -17.20
CA UNK D 3 -16.23 -26.85 -16.29
C UNK D 3 -15.79 -28.32 -16.02
N UNK D 4 -15.73 -28.81 -14.76
CA UNK D 4 -15.31 -30.18 -14.50
C UNK D 4 -16.58 -30.90 -14.10
N UNK D 5 -16.64 -32.15 -14.56
CA UNK D 5 -17.76 -33.03 -14.39
C UNK D 5 -17.33 -34.37 -13.81
N UNK D 6 -17.49 -34.58 -12.50
CA UNK D 6 -17.07 -35.85 -11.91
C UNK D 6 -18.09 -36.96 -12.06
N UNK D 7 -17.72 -38.23 -12.30
CA UNK D 7 -18.61 -39.39 -12.40
C UNK D 7 -18.01 -40.44 -11.49
N UNK D 8 -18.70 -41.37 -10.79
CA UNK D 8 -20.07 -41.26 -10.32
C UNK D 8 -20.23 -40.11 -9.32
N UNK D 9 -21.43 -39.75 -8.78
CA UNK D 9 -21.45 -38.79 -7.66
C UNK D 9 -21.52 -39.40 -6.27
N UNK D 10 -21.70 -40.68 -6.15
CA UNK D 10 -21.66 -41.41 -4.92
C UNK D 10 -21.47 -42.85 -5.41
N UNK D 11 -20.58 -43.57 -4.76
CA UNK D 11 -20.34 -44.96 -5.12
C UNK D 11 -20.19 -45.62 -3.80
N UNK D 12 -20.58 -46.88 -3.78
CA UNK D 12 -20.56 -47.70 -2.58
C UNK D 12 -19.55 -48.71 -3.00
N UNK D 13 -18.64 -49.08 -2.13
CA UNK D 13 -17.61 -50.01 -2.50
C UNK D 13 -17.19 -50.82 -1.29
N UNK D 14 -16.99 -52.08 -1.58
CA UNK D 14 -16.58 -53.03 -0.57
C UNK D 14 -15.09 -52.82 -0.23
N UNK D 15 -14.66 -53.05 1.05
CA UNK D 15 -13.28 -52.94 1.52
C UNK D 15 -12.33 -53.86 0.81
N UNK D 16 -11.13 -53.35 0.69
CA UNK D 16 -10.16 -53.97 -0.20
C UNK D 16 -10.44 -53.92 -1.74
N UNK D 17 -11.54 -53.31 -2.23
CA UNK D 17 -11.86 -53.28 -3.65
C UNK D 17 -11.21 -52.12 -4.34
N UNK D 18 -11.56 -51.85 -5.59
CA UNK D 18 -10.98 -50.72 -6.30
C UNK D 18 -12.01 -49.63 -6.64
N UNK D 19 -11.86 -48.45 -6.11
CA UNK D 19 -12.71 -47.37 -6.53
C UNK D 19 -11.97 -46.42 -7.50
N UNK D 20 -12.49 -46.21 -8.69
CA UNK D 20 -12.04 -45.26 -9.69
C UNK D 20 -13.01 -44.03 -9.79
N UNK D 21 -12.54 -42.80 -10.06
CA UNK D 21 -13.35 -41.57 -10.06
C UNK D 21 -12.92 -40.72 -11.24
N UNK D 22 -13.68 -40.55 -12.31
CA UNK D 22 -13.28 -39.77 -13.50
C UNK D 22 -13.60 -38.27 -13.31
N UNK D 23 -12.94 -37.30 -13.90
CA UNK D 23 -13.22 -35.90 -13.72
C UNK D 23 -12.98 -35.28 -15.11
N UNK D 24 -14.00 -34.88 -15.85
CA UNK D 24 -13.84 -34.32 -17.18
C UNK D 24 -13.90 -32.79 -17.20
N UNK D 25 -12.90 -32.11 -17.82
CA UNK D 25 -12.82 -30.66 -17.92
C UNK D 25 -13.43 -30.41 -19.29
N UNK D 26 -14.21 -29.35 -19.42
CA UNK D 26 -14.87 -29.00 -20.65
C UNK D 26 -13.97 -28.47 -21.76
N UNK D 27 -12.70 -28.28 -21.55
CA UNK D 27 -11.75 -27.67 -22.47
C UNK D 27 -10.43 -28.02 -21.81
N UNK D 28 -9.31 -28.16 -22.53
CA UNK D 28 -8.02 -28.61 -21.94
C UNK D 28 -7.65 -27.88 -20.66
N UNK D 29 -7.12 -28.69 -19.76
CA UNK D 29 -6.58 -28.18 -18.53
C UNK D 29 -5.03 -28.23 -18.63
N UNK D 30 -4.37 -28.72 -19.71
CA UNK D 30 -2.91 -28.66 -19.74
C UNK D 30 -2.42 -27.34 -20.27
N UNK D 31 -1.40 -26.84 -19.61
CA UNK D 31 -0.71 -25.67 -20.06
C UNK D 31 0.67 -26.18 -19.90
N UNK D 32 1.40 -25.60 -20.84
CA UNK D 32 2.82 -25.86 -20.98
C UNK D 32 2.98 -27.38 -21.04
N UNK D 33 3.88 -28.05 -20.33
CA UNK D 33 3.85 -29.52 -20.40
C UNK D 33 3.32 -29.97 -19.07
N UNK D 34 2.20 -29.43 -18.63
CA UNK D 34 1.66 -29.70 -17.32
C UNK D 34 0.15 -29.73 -17.32
N UNK D 35 -0.44 -30.78 -16.76
CA UNK D 35 -1.86 -30.83 -16.55
C UNK D 35 -2.03 -30.05 -15.26
N UNK D 36 -2.89 -29.05 -15.09
CA UNK D 36 -3.08 -28.40 -13.81
C UNK D 36 -4.47 -28.72 -13.23
N UNK D 37 -4.53 -30.02 -12.88
CA UNK D 37 -5.59 -30.85 -12.26
C UNK D 37 -5.09 -31.34 -10.86
N UNK D 38 -5.95 -31.25 -9.86
CA UNK D 38 -5.65 -31.50 -8.46
C UNK D 38 -6.81 -32.30 -7.89
N UNK D 39 -6.52 -33.20 -6.95
CA UNK D 39 -7.51 -34.07 -6.39
C UNK D 39 -7.46 -33.88 -4.90
N UNK D 40 -8.59 -33.80 -4.20
CA UNK D 40 -8.71 -33.57 -2.78
C UNK D 40 -9.63 -34.60 -2.10
N UNK D 41 -9.45 -34.73 -0.82
CA UNK D 41 -10.26 -35.62 -0.04
C UNK D 41 -10.99 -34.79 1.02
N UNK D 42 -12.32 -34.83 1.14
CA UNK D 42 -12.91 -34.08 2.24
C UNK D 42 -13.65 -34.98 3.23
N UNK D 43 -13.03 -35.14 4.40
CA UNK D 43 -13.70 -35.89 5.44
C UNK D 43 -14.63 -34.91 6.14
N UNK D 44 -15.85 -35.23 6.54
CA UNK D 44 -16.69 -34.35 7.34
C UNK D 44 -15.95 -33.57 8.40
N UNK D 45 -16.09 -32.26 8.25
CA UNK D 45 -15.49 -31.37 9.25
C UNK D 45 -13.99 -31.14 9.08
N UNK D 46 -13.36 -31.78 8.12
CA UNK D 46 -12.00 -31.43 7.84
C UNK D 46 -12.16 -30.44 6.72
N UNK D 47 -11.27 -29.42 6.74
CA UNK D 47 -10.77 -28.80 5.54
C UNK D 47 -10.48 -29.86 4.48
N UNK D 48 -10.57 -29.62 3.21
CA UNK D 48 -10.09 -30.54 2.23
C UNK D 48 -8.62 -30.86 2.39
N UNK D 49 -8.19 -31.97 1.80
CA UNK D 49 -6.85 -32.43 2.00
C UNK D 49 -6.36 -32.61 0.62
N UNK D 50 -5.23 -31.93 0.28
CA UNK D 50 -4.66 -32.21 -1.02
C UNK D 50 -4.16 -33.67 -0.98
N UNK D 51 -4.41 -34.37 -2.09
CA UNK D 51 -4.00 -35.74 -2.29
C UNK D 51 -3.08 -35.76 -3.49
N UNK D 52 -3.63 -35.60 -4.72
CA UNK D 52 -2.80 -35.63 -5.90
C UNK D 52 -2.65 -34.23 -6.45
N UNK D 53 -1.53 -33.85 -7.06
CA UNK D 53 -1.40 -32.52 -7.52
C UNK D 53 -0.90 -32.17 -8.90
N UNK D 54 -0.63 -32.99 -9.89
CA UNK D 54 -0.68 -32.38 -11.24
C UNK D 54 -1.11 -33.63 -11.87
N UNK D 55 -2.30 -34.06 -11.64
CA UNK D 55 -2.86 -35.25 -12.21
C UNK D 55 -2.25 -36.53 -11.80
N UNK D 56 -0.94 -36.68 -11.60
CA UNK D 56 -0.36 -37.94 -11.16
C UNK D 56 0.46 -38.02 -9.84
N UNK D 57 1.11 -36.91 -9.50
CA UNK D 57 2.01 -36.93 -8.34
C UNK D 57 1.38 -36.60 -6.99
N UNK D 58 1.66 -37.47 -6.00
CA UNK D 58 1.09 -37.47 -4.64
C UNK D 58 1.79 -36.48 -3.78
N UNK D 59 1.00 -36.09 -2.82
CA UNK D 59 1.46 -35.15 -1.89
C UNK D 59 2.05 -35.83 -0.71
N UNK D 60 2.97 -35.13 -0.12
CA UNK D 60 3.66 -35.38 1.15
C UNK D 60 4.03 -36.77 1.57
N UNK D 61 2.96 -37.49 1.85
CA UNK D 61 2.92 -38.81 2.38
C UNK D 61 1.43 -38.84 2.71
N UNK D 62 0.76 -39.32 1.66
CA UNK D 62 -0.61 -39.82 1.70
C UNK D 62 -0.32 -41.16 1.00
N UNK D 63 -1.08 -42.23 1.27
CA UNK D 63 -0.71 -43.63 1.04
C UNK D 63 -0.51 -43.88 -0.39
N UNK D 64 0.41 -44.71 -0.86
CA UNK D 64 0.50 -44.96 -2.31
C UNK D 64 -0.68 -45.80 -2.91
N UNK D 65 -1.74 -46.07 -2.13
CA UNK D 65 -2.90 -46.80 -2.62
C UNK D 65 -3.66 -45.97 -3.63
N UNK D 66 -3.32 -44.66 -3.44
CA UNK D 66 -3.73 -43.53 -4.19
C UNK D 66 -2.90 -43.16 -5.41
N UNK D 67 -3.53 -43.11 -6.60
CA UNK D 67 -2.88 -42.67 -7.78
C UNK D 67 -3.83 -41.91 -8.71
N UNK D 68 -3.25 -41.09 -9.66
CA UNK D 68 -3.94 -40.35 -10.67
C UNK D 68 -3.22 -40.35 -12.04
N UNK D 69 -3.99 -40.24 -13.09
CA UNK D 69 -3.51 -40.17 -14.45
C UNK D 69 -4.50 -39.28 -15.22
N UNK D 70 -4.04 -38.76 -16.34
CA UNK D 70 -4.93 -38.06 -17.18
C UNK D 70 -4.21 -36.91 -17.80
N UNK D 71 -4.58 -36.68 -19.06
CA UNK D 71 -4.05 -35.60 -19.88
C UNK D 71 -5.27 -34.83 -20.43
N UNK D 72 -5.05 -33.56 -20.73
CA UNK D 72 -6.07 -32.72 -21.25
C UNK D 72 -7.32 -32.54 -20.41
N UNK D 73 -8.27 -33.47 -20.62
CA UNK D 73 -9.68 -33.44 -20.23
C UNK D 73 -10.08 -34.64 -19.41
N UNK D 74 -9.47 -35.79 -19.68
CA UNK D 74 -9.91 -36.99 -19.00
C UNK D 74 -8.94 -37.42 -17.92
N UNK D 75 -9.33 -37.36 -16.62
CA UNK D 75 -8.54 -37.58 -15.44
C UNK D 75 -9.27 -38.57 -14.60
N UNK D 76 -8.66 -39.36 -13.69
CA UNK D 76 -9.26 -40.46 -12.87
C UNK D 76 -8.56 -40.56 -11.51
N UNK D 77 -9.20 -40.69 -10.37
CA UNK D 77 -8.48 -41.11 -9.16
C UNK D 77 -8.75 -42.64 -9.15
N UNK D 78 -7.78 -43.39 -8.61
CA UNK D 78 -7.88 -44.84 -8.45
C UNK D 78 -7.53 -45.03 -7.01
N UNK D 79 -8.29 -45.71 -6.15
CA UNK D 79 -7.94 -46.03 -4.76
C UNK D 79 -7.99 -47.53 -4.95
N UNK D 80 -6.90 -48.26 -4.69
CA UNK D 80 -6.89 -49.73 -4.86
C UNK D 80 -5.92 -50.42 -3.94
N UNK D 81 -6.20 -50.79 -2.69
CA UNK D 81 -7.51 -51.21 -2.24
C UNK D 81 -8.18 -50.22 -1.32
N UNK D 82 -9.48 -50.08 -1.39
CA UNK D 82 -10.27 -49.22 -0.49
C UNK D 82 -10.20 -49.70 0.97
N UNK D 83 -9.80 -48.90 1.92
CA UNK D 83 -9.88 -49.24 3.33
C UNK D 83 -10.99 -48.39 3.93
N UNK D 84 -11.41 -48.64 5.15
CA UNK D 84 -12.50 -47.85 5.70
C UNK D 84 -12.08 -46.41 6.02
N UNK D 85 -10.76 -46.12 6.04
CA UNK D 85 -10.20 -44.79 6.32
C UNK D 85 -10.23 -43.82 5.11
N UNK D 86 -11.12 -44.17 4.16
CA UNK D 86 -11.27 -43.49 2.91
C UNK D 86 -12.67 -43.01 2.60
N UNK D 87 -13.60 -43.21 3.49
CA UNK D 87 -14.95 -42.80 3.23
C UNK D 87 -14.83 -41.31 3.25
N UNK D 88 -15.40 -40.63 2.25
CA UNK D 88 -15.30 -39.18 2.13
C UNK D 88 -15.86 -38.70 0.79
N UNK D 89 -15.91 -37.41 0.56
CA UNK D 89 -16.23 -36.84 -0.74
C UNK D 89 -14.90 -36.33 -1.39
N UNK D 90 -14.71 -36.78 -2.63
CA UNK D 90 -13.49 -36.53 -3.36
C UNK D 90 -13.74 -35.46 -4.38
N UNK D 91 -12.82 -34.53 -4.63
CA UNK D 91 -12.99 -33.45 -5.56
C UNK D 91 -11.82 -33.34 -6.53
N UNK D 92 -12.03 -32.99 -7.80
CA UNK D 92 -10.91 -32.60 -8.65
C UNK D 92 -11.04 -31.08 -8.84
N UNK D 93 -10.01 -30.35 -9.18
CA UNK D 93 -10.02 -28.92 -9.26
C UNK D 93 -8.92 -28.48 -10.22
N UNK D 94 -9.16 -27.46 -11.04
CA UNK D 94 -8.09 -27.03 -11.95
C UNK D 94 -7.55 -25.64 -11.65
N UNK D 95 -6.27 -25.51 -11.98
CA UNK D 95 -5.51 -24.31 -11.70
C UNK D 95 -4.86 -23.72 -12.91
N UNK D 96 -5.16 -24.28 -14.05
CA UNK D 96 -4.78 -23.80 -15.38
C UNK D 96 -5.87 -22.81 -15.58
N UNK D 97 -5.71 -21.52 -15.87
CA UNK D 97 -6.86 -20.60 -16.09
C UNK D 97 -7.82 -20.10 -14.99
N UNK D 98 -7.80 -18.77 -14.76
CA UNK D 98 -8.73 -18.21 -13.79
C UNK D 98 -10.14 -18.26 -14.42
N UNK D 99 -11.16 -18.91 -13.85
CA UNK D 99 -11.51 -18.81 -12.47
C UNK D 99 -11.25 -19.98 -11.56
N UNK D 100 -10.36 -20.96 -11.78
CA UNK D 100 -10.07 -22.04 -10.80
C UNK D 100 -11.33 -22.78 -10.38
N UNK D 101 -11.78 -23.51 -11.35
CA UNK D 101 -12.99 -24.26 -11.18
C UNK D 101 -12.75 -25.51 -10.35
N UNK D 102 -13.82 -26.12 -9.87
CA UNK D 102 -13.82 -27.24 -8.93
C UNK D 102 -14.91 -28.20 -9.39
N UNK D 103 -14.65 -29.50 -9.32
CA UNK D 103 -15.60 -30.50 -9.70
C UNK D 103 -16.64 -30.65 -8.62
N UNK D 104 -17.65 -31.46 -8.88
CA UNK D 104 -18.76 -31.60 -7.94
C UNK D 104 -18.58 -32.38 -6.66
N UNK D 105 -17.49 -33.16 -6.60
CA UNK D 105 -17.20 -34.09 -5.55
C UNK D 105 -17.73 -35.46 -5.89
N UNK D 106 -17.34 -36.59 -5.27
CA UNK D 106 -18.09 -37.83 -5.37
C UNK D 106 -18.09 -38.38 -3.92
N UNK D 107 -19.22 -38.63 -3.25
CA UNK D 107 -19.24 -39.15 -1.89
C UNK D 107 -19.04 -40.66 -1.98
N UNK D 108 -17.96 -41.20 -1.45
CA UNK D 108 -17.64 -42.61 -1.53
C UNK D 108 -18.19 -43.08 -0.22
N UNK D 109 -18.87 -44.24 -0.22
CA UNK D 109 -19.46 -44.82 0.95
C UNK D 109 -19.23 -46.30 0.83
N UNK D 110 -19.39 -46.99 1.96
CA UNK D 110 -19.08 -48.39 2.06
C UNK D 110 -20.17 -49.42 2.02
N UNK D 111 -20.01 -50.25 1.03
CA UNK D 111 -20.96 -51.27 0.74
C UNK D 111 -20.62 -52.18 1.87
N UNK D 112 -21.67 -52.38 2.67
CA UNK D 112 -21.66 -53.30 3.79
C UNK D 112 -22.85 -54.24 3.60
N UNK D 113 -22.06 -54.69 3.79
CA UNK D 113 -23.21 -55.55 3.56
C UNK D 113 -24.56 -54.88 3.87
N UNK D 114 -25.71 -55.27 3.29
CA UNK D 114 -27.05 -54.64 3.50
C UNK D 114 -27.44 -54.77 4.96
N UNK D 115 -28.07 -53.72 5.49
CA UNK D 115 -28.51 -53.64 6.89
C UNK D 115 -29.81 -52.84 6.81
N UNK D 116 -30.88 -53.37 7.38
CA UNK D 116 -32.17 -52.70 7.35
C UNK D 116 -32.40 -51.73 8.52
N UNK D 117 -33.23 -50.69 8.37
CA UNK D 117 -33.32 -49.63 9.36
C UNK D 117 -34.03 -49.95 10.68
N UNK D 118 -33.54 -49.47 11.82
CA UNK D 118 -34.28 -49.54 13.05
C UNK D 118 -35.23 -48.31 12.99
N UNK D 119 -36.53 -48.42 13.28
CA UNK D 119 -37.53 -47.38 13.03
C UNK D 119 -38.13 -46.85 14.32
N UNK D 120 -38.03 -45.60 14.79
CA UNK D 120 -38.61 -45.15 16.07
C UNK D 120 -39.64 -44.09 15.73
N UNK D 121 -40.86 -43.98 16.28
CA UNK D 121 -41.66 -42.80 16.02
C UNK D 121 -41.85 -42.14 17.38
N UNK D 122 -41.81 -40.81 17.40
CA UNK D 122 -41.97 -40.00 18.58
C UNK D 122 -43.15 -39.11 18.34
N UNK D 123 -44.06 -38.96 19.32
CA UNK D 123 -45.06 -37.90 19.37
C UNK D 123 -44.42 -36.49 19.43
N UNK D 124 -45.21 -35.41 19.44
CA UNK D 124 -44.72 -34.12 19.90
C UNK D 124 -44.65 -34.13 21.42
N UNK D 125 -43.73 -33.37 22.03
CA UNK D 125 -43.72 -33.25 23.48
C UNK D 125 -44.89 -32.38 23.87
N UNK D 126 -45.36 -32.57 25.07
CA UNK D 126 -46.49 -31.80 25.57
C UNK D 126 -46.21 -30.30 25.50
N UNK D 127 -44.96 -29.94 25.75
CA UNK D 127 -44.63 -28.54 25.65
C UNK D 127 -44.52 -27.99 24.23
N UNK D 128 -44.11 -28.74 23.17
CA UNK D 128 -44.09 -28.21 21.81
C UNK D 128 -45.56 -27.83 21.48
N UNK D 129 -46.51 -28.72 21.87
CA UNK D 129 -47.93 -28.50 21.73
C UNK D 129 -48.34 -27.25 22.47
N UNK D 130 -47.97 -27.14 23.73
CA UNK D 130 -48.27 -25.95 24.50
C UNK D 130 -47.90 -24.69 23.71
N UNK D 131 -46.75 -24.66 23.06
CA UNK D 131 -46.37 -23.47 22.28
C UNK D 131 -47.18 -23.40 20.97
N UNK D 132 -48.29 -24.15 20.78
CA UNK D 132 -49.07 -24.12 19.57
C UNK D 132 -48.62 -25.06 18.44
N UNK D 133 -47.55 -25.90 18.54
CA UNK D 133 -47.16 -26.80 17.43
C UNK D 133 -46.96 -28.32 17.76
N UNK D 134 -46.63 -29.11 16.76
CA UNK D 134 -46.44 -30.52 16.98
C UNK D 134 -45.51 -30.99 15.90
N UNK D 135 -44.45 -31.69 16.25
CA UNK D 135 -43.66 -32.36 15.25
C UNK D 135 -43.82 -33.81 15.67
N UNK D 136 -43.95 -34.66 14.68
CA UNK D 136 -44.04 -36.07 14.94
C UNK D 136 -42.72 -36.40 14.28
N UNK D 137 -41.69 -36.99 14.93
CA UNK D 137 -40.38 -37.29 14.31
C UNK D 137 -40.23 -38.77 14.25
N UNK D 138 -39.78 -39.29 13.14
CA UNK D 138 -39.50 -40.68 13.05
C UNK D 138 -37.96 -40.83 12.99
N UNK D 139 -37.32 -41.95 13.35
CA UNK D 139 -35.87 -42.16 13.26
C UNK D 139 -35.83 -43.43 12.49
N UNK D 140 -34.91 -43.49 11.54
CA UNK D 140 -34.70 -44.67 10.71
C UNK D 140 -33.21 -44.78 10.81
N UNK D 141 -32.69 -45.66 11.62
CA UNK D 141 -31.26 -45.66 11.94
C UNK D 141 -30.53 -46.87 11.37
N UNK D 142 -29.23 -46.66 11.12
CA UNK D 142 -28.27 -47.66 10.76
C UNK D 142 -28.61 -48.61 9.68
N UNK D 143 -28.59 -48.24 8.41
CA UNK D 143 -29.04 -49.08 7.31
C UNK D 143 -28.07 -48.96 6.12
N UNK D 144 -28.17 -49.79 5.10
CA UNK D 144 -27.28 -49.72 3.98
C UNK D 144 -28.04 -50.49 2.91
N UNK D 145 -28.29 -50.13 1.62
CA UNK D 145 -27.84 -48.92 0.92
C UNK D 145 -28.69 -47.70 1.34
N UNK D 146 -28.07 -46.53 1.12
CA UNK D 146 -28.64 -45.31 1.61
C UNK D 146 -29.95 -45.07 0.90
N UNK D 147 -30.33 -45.68 -0.23
CA UNK D 147 -31.63 -45.34 -0.78
C UNK D 147 -32.71 -46.09 0.01
N UNK D 148 -33.40 -45.25 0.76
CA UNK D 148 -34.58 -45.62 1.50
C UNK D 148 -35.71 -44.64 1.06
N UNK D 149 -37.02 -44.95 1.30
CA UNK D 149 -38.18 -44.07 1.05
C UNK D 149 -39.15 -44.09 2.26
N UNK D 150 -39.24 -43.02 3.04
CA UNK D 150 -40.20 -42.97 4.17
C UNK D 150 -41.51 -42.23 3.75
N UNK D 151 -42.64 -42.47 4.43
CA UNK D 151 -43.96 -41.98 4.03
C UNK D 151 -44.67 -41.59 5.26
N UNK D 152 -45.53 -40.59 5.08
CA UNK D 152 -46.41 -40.27 6.17
C UNK D 152 -47.86 -40.51 5.81
N UNK D 153 -48.48 -40.95 6.89
CA UNK D 153 -49.86 -41.31 7.00
C UNK D 153 -50.27 -40.63 8.27
N UNK D 154 -51.58 -40.34 8.25
CA UNK D 154 -52.34 -39.73 9.33
C UNK D 154 -53.79 -40.10 9.01
N UNK D 155 -54.22 -41.03 9.86
CA UNK D 155 -55.51 -41.67 9.78
C UNK D 155 -55.70 -42.44 8.48
N UNK D 156 -54.56 -42.96 7.98
CA UNK D 156 -54.59 -43.75 6.75
C UNK D 156 -54.30 -42.85 5.59
N UNK D 157 -54.74 -41.61 5.65
CA UNK D 157 -54.54 -40.66 4.58
C UNK D 157 -53.07 -40.35 4.57
N UNK D 158 -52.55 -40.43 3.35
CA UNK D 158 -51.16 -40.07 3.10
C UNK D 158 -50.84 -38.57 3.41
N UNK D 159 -49.56 -38.25 3.56
CA UNK D 159 -49.14 -36.88 3.87
C UNK D 159 -47.80 -36.54 3.25
N UNK D 160 -47.80 -35.36 2.61
CA UNK D 160 -46.69 -34.89 1.81
C UNK D 160 -46.13 -33.60 2.34
N UNK D 161 -46.98 -32.72 2.79
CA UNK D 161 -46.49 -31.41 3.18
C UNK D 161 -46.08 -31.39 4.63
N UNK D 162 -44.85 -30.89 4.71
CA UNK D 162 -44.19 -30.52 5.98
C UNK D 162 -43.25 -31.55 6.55
N UNK D 163 -42.69 -32.33 5.64
CA UNK D 163 -41.84 -33.43 5.95
C UNK D 163 -40.45 -32.93 5.53
N UNK D 164 -39.69 -32.86 6.61
CA UNK D 164 -38.29 -32.46 6.61
C UNK D 164 -37.44 -33.67 7.00
N UNK D 165 -36.51 -34.02 6.13
CA UNK D 165 -35.71 -35.22 6.18
C UNK D 165 -34.29 -34.83 6.22
N UNK D 166 -33.41 -35.64 6.82
CA UNK D 166 -31.96 -35.39 6.92
C UNK D 166 -31.31 -36.72 7.23
N UNK D 167 -30.12 -36.93 6.65
CA UNK D 167 -29.41 -38.20 6.64
C UNK D 167 -28.05 -37.97 7.24
N UNK D 168 -27.60 -38.91 8.06
CA UNK D 168 -26.23 -38.89 8.52
C UNK D 168 -25.39 -39.49 7.40
N UNK D 169 -24.22 -38.90 7.18
CA UNK D 169 -23.27 -39.38 6.23
C UNK D 169 -22.83 -40.80 6.61
N UNK D 170 -22.05 -41.54 5.84
CA UNK D 170 -21.65 -42.86 6.24
C UNK D 170 -20.87 -42.77 7.54
N UNK D 171 -21.20 -43.77 8.38
CA UNK D 171 -20.65 -43.85 9.72
C UNK D 171 -19.35 -44.64 9.67
N UNK D 172 -18.37 -44.01 10.27
CA UNK D 172 -17.14 -44.72 10.43
C UNK D 172 -17.14 -45.49 11.73
N UNK D 173 -17.45 -46.75 11.42
CA UNK D 173 -17.45 -47.87 12.33
C UNK D 173 -18.19 -48.88 11.55
N UNK D 174 -19.43 -48.56 11.21
CA UNK D 174 -20.18 -49.64 10.66
C UNK D 174 -20.88 -49.38 9.38
N UNK D 175 -20.27 -48.45 8.67
CA UNK D 175 -20.70 -48.00 7.36
C UNK D 175 -22.19 -47.98 6.98
N UNK D 176 -22.95 -47.61 8.00
CA UNK D 176 -24.36 -47.50 7.85
C UNK D 176 -24.64 -46.00 7.79
N UNK D 177 -25.85 -45.72 7.30
CA UNK D 177 -26.41 -44.38 7.29
C UNK D 177 -27.60 -44.39 8.26
N UNK D 178 -28.11 -43.24 8.64
CA UNK D 178 -29.27 -43.15 9.49
C UNK D 178 -30.02 -41.95 8.91
N UNK D 179 -31.15 -41.50 9.46
CA UNK D 179 -31.83 -40.28 9.02
C UNK D 179 -33.04 -39.95 9.90
N UNK D 180 -33.50 -38.70 9.98
CA UNK D 180 -34.80 -38.44 10.59
C UNK D 180 -35.83 -37.90 9.59
N UNK D 181 -37.05 -38.07 9.98
CA UNK D 181 -38.21 -37.74 9.22
C UNK D 181 -39.08 -36.94 10.20
N UNK D 182 -39.49 -35.73 9.86
CA UNK D 182 -40.32 -34.95 10.75
C UNK D 182 -41.52 -34.36 9.99
N UNK D 183 -42.72 -34.68 10.46
CA UNK D 183 -43.97 -34.12 10.00
C UNK D 183 -44.18 -33.00 11.00
N UNK D 184 -44.40 -31.73 10.63
CA UNK D 184 -44.68 -30.67 11.62
C UNK D 184 -46.07 -30.27 11.25
N UNK D 185 -46.91 -30.17 12.25
CA UNK D 185 -48.33 -29.80 12.10
C UNK D 185 -48.52 -28.71 13.08
N UNK D 186 -49.67 -28.12 13.01
CA UNK D 186 -50.00 -27.11 13.99
C UNK D 186 -50.63 -27.87 15.13
N UNK D 187 -50.70 -27.32 16.35
CA UNK D 187 -51.36 -28.07 17.41
C UNK D 187 -52.82 -28.37 17.06
N UNK D 188 -53.57 -27.46 16.43
CA UNK D 188 -54.98 -27.75 16.22
C UNK D 188 -55.32 -28.85 15.22
N UNK D 189 -54.64 -28.93 14.07
CA UNK D 189 -54.94 -29.99 13.12
C UNK D 189 -54.30 -31.33 13.51
N UNK D 190 -53.23 -31.25 14.32
CA UNK D 190 -52.62 -32.42 14.92
C UNK D 190 -53.68 -33.03 15.84
N UNK D 191 -54.38 -32.31 16.70
CA UNK D 191 -55.40 -32.93 17.55
C UNK D 191 -56.64 -33.34 16.75
N UNK D 192 -56.71 -32.90 15.51
CA UNK D 192 -57.80 -33.27 14.65
C UNK D 192 -57.64 -34.69 14.16
N UNK D 193 -56.80 -35.59 14.67
CA UNK D 193 -56.56 -36.92 14.05
C UNK D 193 -56.03 -37.92 15.03
N UNK D 194 -56.13 -39.22 14.71
CA UNK D 194 -55.70 -40.29 15.66
C UNK D 194 -54.44 -41.16 15.48
N UNK D 195 -54.20 -41.78 14.32
CA UNK D 195 -52.97 -42.53 14.20
C UNK D 195 -52.03 -41.95 13.21
N UNK D 196 -50.77 -41.89 13.63
CA UNK D 196 -49.69 -41.39 12.79
C UNK D 196 -48.62 -42.47 12.57
N UNK D 197 -48.17 -42.51 11.34
CA UNK D 197 -47.42 -43.60 10.75
C UNK D 197 -46.35 -43.07 9.83
N UNK D 198 -45.16 -43.57 10.21
CA UNK D 198 -43.89 -43.41 9.54
C UNK D 198 -43.84 -44.74 8.86
N UNK D 199 -43.87 -44.73 7.54
CA UNK D 199 -43.87 -45.97 6.78
C UNK D 199 -42.64 -45.94 5.92
N UNK D 200 -41.63 -46.76 6.18
CA UNK D 200 -40.38 -46.63 5.46
C UNK D 200 -40.15 -47.87 4.65
N UNK D 201 -39.65 -47.75 3.47
CA UNK D 201 -39.49 -48.86 2.56
C UNK D 201 -38.01 -48.74 2.11
N UNK D 202 -37.26 -49.83 2.05
CA UNK D 202 -35.83 -49.82 1.80
C UNK D 202 -35.62 -51.17 1.18
N UNK D 203 -34.60 -51.32 0.34
CA UNK D 203 -34.40 -52.63 -0.26
C UNK D 203 -34.23 -53.91 0.57
N UNK D 204 -34.10 -53.91 1.89
CA UNK D 204 -33.99 -55.21 2.56
C UNK D 204 -35.34 -55.86 2.83
N UNK D 205 -36.49 -55.39 2.27
CA UNK D 205 -37.81 -55.92 2.60
C UNK D 205 -38.84 -55.87 1.49
N UNK D 206 -39.79 -56.78 1.72
CA UNK D 206 -40.99 -56.97 0.92
C UNK D 206 -42.13 -56.17 1.52
N UNK D 207 -42.04 -56.02 2.82
CA UNK D 207 -42.94 -55.23 3.60
C UNK D 207 -42.37 -53.81 3.64
N UNK D 208 -43.14 -52.75 3.69
CA UNK D 208 -42.70 -51.49 4.26
C UNK D 208 -42.41 -51.69 5.72
N UNK D 209 -41.33 -51.19 6.33
CA UNK D 209 -41.25 -51.28 7.78
C UNK D 209 -42.14 -50.14 8.33
N UNK D 210 -43.24 -50.43 9.04
CA UNK D 210 -44.10 -49.34 9.52
C UNK D 210 -44.08 -49.28 11.07
N UNK D 211 -44.22 -48.04 11.51
CA UNK D 211 -44.19 -47.73 12.92
C UNK D 211 -45.32 -46.73 13.05
N UNK D 212 -46.04 -46.74 14.17
CA UNK D 212 -47.22 -45.90 14.40
C UNK D 212 -47.60 -45.74 15.85
N UNK D 213 -48.05 -44.59 16.26
CA UNK D 213 -48.57 -44.44 17.58
C UNK D 213 -50.04 -44.18 17.33
N UNK D 214 -50.83 -43.86 18.36
CA UNK D 214 -52.29 -43.69 18.24
C UNK D 214 -52.57 -42.81 19.42
N UNK D 215 -52.89 -41.51 19.23
CA UNK D 215 -53.12 -40.60 20.34
C UNK D 215 -54.13 -41.09 21.43
N UNK D 216 -55.05 -42.06 21.20
CA UNK D 216 -55.91 -42.69 22.22
C UNK D 216 -55.09 -43.58 23.18
N UNK D 217 -53.88 -43.98 22.81
CA UNK D 217 -53.04 -44.85 23.58
C UNK D 217 -51.76 -44.17 24.08
N UNK E 1 2.86 -25.44 12.71
CA UNK E 1 4.11 -25.44 11.96
C UNK E 1 3.67 -24.46 10.90
N UNK E 2 3.44 -24.75 9.61
CA UNK E 2 2.68 -23.81 8.78
C UNK E 2 1.33 -23.59 9.50
N UNK E 3 0.73 -22.39 9.57
CA UNK E 3 -0.51 -22.23 10.33
C UNK E 3 -1.48 -21.11 9.96
N UNK E 4 -2.65 -21.47 9.50
CA UNK E 4 -3.57 -20.48 8.98
C UNK E 4 -4.85 -20.36 9.79
N UNK E 5 -4.93 -19.64 10.91
CA UNK E 5 -6.20 -19.55 11.60
C UNK E 5 -7.04 -18.29 11.28
N UNK E 6 -8.18 -18.52 10.61
CA UNK E 6 -9.03 -17.41 10.22
C UNK E 6 -10.01 -17.07 11.29
N UNK E 7 -10.49 -15.84 11.29
CA UNK E 7 -11.28 -15.24 12.37
C UNK E 7 -12.23 -14.18 11.77
N UNK E 8 -13.38 -13.86 12.35
CA UNK E 8 -14.22 -12.83 11.75
C UNK E 8 -15.60 -13.27 11.28
N UNK E 9 -15.93 -14.57 11.34
CA UNK E 9 -17.24 -15.08 10.90
C UNK E 9 -18.39 -14.40 11.62
N UNK E 10 -19.64 -14.72 11.30
CA UNK E 10 -20.76 -14.08 12.00
C UNK E 10 -22.11 -14.24 11.31
N UNK E 11 -23.18 -13.67 11.93
CA UNK E 11 -24.51 -13.62 11.32
C UNK E 11 -24.60 -12.20 10.79
N UNK E 12 -25.00 -11.98 9.55
CA UNK E 12 -25.09 -10.67 8.96
C UNK E 12 -26.36 -10.59 8.11
N UNK E 13 -26.93 -9.37 8.14
CA UNK E 13 -28.18 -9.11 7.41
C UNK E 13 -27.81 -8.83 5.97
N UNK E 14 -28.74 -9.00 5.07
CA UNK E 14 -28.42 -8.81 3.68
C UNK E 14 -28.01 -7.39 3.39
N UNK E 15 -26.98 -7.32 2.54
CA UNK E 15 -26.44 -6.06 2.05
C UNK E 15 -25.31 -5.59 2.91
N UNK E 16 -25.24 -6.24 4.08
CA UNK E 16 -24.24 -5.95 5.10
C UNK E 16 -22.81 -6.33 4.76
N UNK E 17 -21.96 -6.20 5.80
CA UNK E 17 -20.52 -6.30 5.72
C UNK E 17 -19.87 -6.86 6.99
N UNK E 18 -18.77 -7.56 6.71
CA UNK E 18 -17.83 -8.26 7.59
C UNK E 18 -16.45 -8.16 6.88
N UNK E 19 -15.40 -8.35 7.70
CA UNK E 19 -14.04 -8.43 7.21
C UNK E 19 -13.44 -9.66 7.94
N UNK E 20 -12.97 -10.68 7.23
CA UNK E 20 -12.31 -11.81 7.86
C UNK E 20 -10.79 -11.58 7.95
N UNK E 21 -10.07 -12.29 8.82
CA UNK E 21 -8.59 -12.28 8.85
C UNK E 21 -8.11 -13.73 8.83
N UNK E 22 -7.01 -13.98 8.14
CA UNK E 22 -6.30 -15.23 8.15
C UNK E 22 -5.00 -14.86 8.84
N UNK E 23 -4.83 -15.20 10.10
CA UNK E 23 -3.62 -14.95 10.83
C UNK E 23 -2.67 -16.13 10.62
N UNK E 24 -1.44 -15.83 10.26
CA UNK E 24 -0.51 -16.84 9.82
C UNK E 24 0.66 -17.10 10.76
N UNK E 25 1.17 -18.32 10.73
CA UNK E 25 2.31 -18.71 11.53
C UNK E 25 3.13 -19.81 10.79
N UNK E 26 4.38 -20.08 11.15
CA UNK E 26 5.19 -21.21 10.70
C UNK E 26 5.59 -21.36 9.24
N UNK E 27 5.87 -20.23 8.60
CA UNK E 27 6.42 -20.18 7.24
C UNK E 27 6.74 -18.70 6.95
N UNK E 28 7.49 -18.35 5.86
CA UNK E 28 7.67 -16.96 5.55
C UNK E 28 6.47 -16.54 4.74
N UNK E 29 5.46 -15.92 5.40
CA UNK E 29 4.23 -15.41 4.75
C UNK E 29 4.54 -14.39 3.66
N UNK E 30 5.32 -13.34 3.99
CA UNK E 30 5.61 -12.23 3.09
C UNK E 30 6.18 -12.71 1.80
N UNK E 31 6.71 -13.95 1.70
CA UNK E 31 7.08 -14.36 0.37
C UNK E 31 6.25 -15.53 -0.22
N UNK E 32 4.92 -15.61 0.05
CA UNK E 32 4.05 -16.60 -0.60
C UNK E 32 2.72 -16.03 -1.11
N UNK E 33 2.15 -16.47 -2.24
CA UNK E 33 0.86 -16.02 -2.70
C UNK E 33 -0.28 -16.62 -1.88
N UNK E 34 -1.38 -15.93 -1.58
CA UNK E 34 -2.45 -16.46 -0.72
C UNK E 34 -3.92 -16.63 -1.23
N UNK E 35 -4.79 -17.64 -0.91
CA UNK E 35 -6.19 -17.68 -1.42
C UNK E 35 -7.26 -17.89 -0.37
N UNK E 36 -8.50 -17.52 -0.73
CA UNK E 36 -9.69 -17.76 0.08
C UNK E 36 -10.53 -18.57 -0.85
N UNK E 37 -11.08 -19.65 -0.36
CA UNK E 37 -11.93 -20.58 -1.06
C UNK E 37 -13.07 -20.63 -0.05
N UNK E 38 -14.36 -20.84 -0.44
CA UNK E 38 -15.46 -20.98 0.52
C UNK E 38 -16.07 -22.32 0.35
N UNK E 39 -16.77 -22.83 1.33
CA UNK E 39 -17.50 -24.06 1.11
C UNK E 39 -19.01 -23.91 1.32
N UNK E 40 -19.85 -24.04 0.30
CA UNK E 40 -21.26 -23.71 0.49
C UNK E 40 -22.00 -24.79 1.28
N UNK E 41 -23.12 -24.49 1.99
CA UNK E 41 -24.03 -25.44 2.62
C UNK E 41 -24.16 -26.79 1.92
N UNK E 42 -24.40 -26.74 0.58
CA UNK E 42 -24.66 -27.96 -0.12
C UNK E 42 -23.35 -28.54 -0.53
N UNK E 43 -22.33 -28.37 0.34
CA UNK E 43 -20.97 -28.86 0.30
C UNK E 43 -20.19 -28.68 -1.00
N UNK E 44 -20.41 -27.59 -1.74
CA UNK E 44 -19.57 -27.38 -2.93
C UNK E 44 -18.73 -26.11 -2.80
N UNK E 45 -17.54 -26.18 -3.41
CA UNK E 45 -16.41 -25.34 -3.10
C UNK E 45 -16.14 -24.34 -4.19
N UNK E 46 -16.08 -23.09 -3.83
CA UNK E 46 -15.93 -22.06 -4.82
C UNK E 46 -14.68 -21.38 -4.40
N UNK E 47 -13.86 -21.00 -5.35
CA UNK E 47 -12.67 -20.20 -5.05
C UNK E 47 -13.15 -18.79 -4.82
N UNK E 48 -12.50 -17.98 -4.01
CA UNK E 48 -12.97 -16.64 -3.74
C UNK E 48 -12.03 -15.58 -4.28
N UNK E 49 -10.77 -15.55 -3.95
CA UNK E 49 -9.81 -14.59 -4.48
C UNK E 49 -8.35 -15.07 -4.19
N UNK E 50 -7.37 -14.51 -4.92
CA UNK E 50 -5.96 -14.78 -4.73
C UNK E 50 -5.21 -13.49 -4.72
N UNK E 51 -4.35 -13.30 -3.73
CA UNK E 51 -3.51 -12.13 -3.70
C UNK E 51 -2.09 -12.57 -4.02
N UNK E 52 -1.40 -11.80 -4.83
CA UNK E 52 -0.02 -12.06 -5.13
C UNK E 52 0.98 -11.75 -4.06
N UNK E 53 1.84 -12.74 -4.07
CA UNK E 53 3.18 -12.78 -3.48
C UNK E 53 3.62 -11.67 -2.54
N UNK E 54 2.84 -11.37 -1.51
CA UNK E 54 3.26 -10.41 -0.55
C UNK E 54 3.33 -9.02 -1.14
N UNK E 55 2.44 -8.65 -2.08
CA UNK E 55 2.45 -7.34 -2.74
C UNK E 55 1.11 -7.25 -3.41
N UNK E 56 0.84 -6.86 -4.68
CA UNK E 56 -0.49 -7.09 -5.25
C UNK E 56 -0.57 -7.11 -6.78
N UNK E 57 -1.35 -8.11 -7.12
CA UNK E 57 -1.86 -8.60 -8.39
C UNK E 57 -2.89 -9.48 -7.70
N UNK E 58 -4.14 -9.07 -7.83
CA UNK E 58 -5.26 -9.65 -7.12
C UNK E 58 -6.08 -10.28 -8.25
N UNK E 59 -6.81 -11.38 -8.01
CA UNK E 59 -7.54 -12.13 -9.04
C UNK E 59 -8.89 -12.53 -8.46
N UNK E 60 -9.97 -12.50 -9.23
CA UNK E 60 -11.28 -12.87 -8.69
C UNK E 60 -12.13 -13.54 -9.74
N UNK E 61 -13.04 -14.40 -9.32
CA UNK E 61 -14.08 -14.91 -10.19
C UNK E 61 -15.13 -13.83 -10.38
N UNK E 62 -15.97 -13.89 -11.43
CA UNK E 62 -17.14 -12.94 -11.57
C UNK E 62 -18.17 -12.69 -10.41
N UNK E 63 -18.71 -13.67 -9.69
CA UNK E 63 -19.66 -13.44 -8.62
C UNK E 63 -19.25 -12.45 -7.50
N UNK E 64 -17.96 -12.17 -7.40
CA UNK E 64 -17.41 -11.52 -6.24
C UNK E 64 -16.74 -10.29 -6.70
N UNK E 65 -16.50 -10.08 -8.01
CA UNK E 65 -15.77 -8.89 -8.42
C UNK E 65 -16.69 -7.72 -8.16
N UNK E 66 -16.16 -6.68 -7.51
CA UNK E 66 -16.94 -5.50 -7.22
C UNK E 66 -17.31 -5.53 -5.75
N UNK E 67 -17.69 -6.68 -5.21
CA UNK E 67 -18.17 -6.79 -3.83
C UNK E 67 -17.15 -7.18 -2.76
N UNK E 68 -16.24 -8.19 -3.06
CA UNK E 68 -15.14 -8.70 -2.21
C UNK E 68 -13.68 -8.22 -2.49
N UNK E 69 -12.82 -7.97 -1.48
CA UNK E 69 -11.45 -7.50 -1.66
C UNK E 69 -10.47 -8.32 -0.83
N UNK E 70 -9.41 -8.82 -1.48
CA UNK E 70 -8.40 -9.62 -0.80
C UNK E 70 -7.23 -8.69 -0.63
N UNK E 71 -6.69 -8.68 0.58
CA UNK E 71 -5.61 -7.74 0.94
C UNK E 71 -4.79 -8.45 1.96
N UNK E 72 -3.51 -8.08 2.07
CA UNK E 72 -2.62 -8.81 2.96
C UNK E 72 -1.79 -7.80 3.65
N UNK E 73 -1.35 -8.19 4.85
CA UNK E 73 -0.50 -7.34 5.63
C UNK E 73 0.66 -8.21 6.11
N UNK E 74 1.67 -8.19 5.24
CA UNK E 74 2.99 -8.73 5.44
C UNK E 74 3.67 -8.21 6.71
N UNK E 75 3.21 -7.08 7.23
CA UNK E 75 3.92 -6.54 8.38
C UNK E 75 3.46 -7.35 9.58
N UNK E 76 2.23 -7.80 9.56
CA UNK E 76 1.84 -8.52 10.74
C UNK E 76 1.02 -9.76 10.47
N UNK E 77 1.51 -10.33 9.37
CA UNK E 77 1.19 -11.64 8.82
C UNK E 77 -0.30 -12.01 8.80
N UNK E 78 -1.12 -11.04 8.40
CA UNK E 78 -2.57 -11.27 8.37
C UNK E 78 -3.22 -10.92 7.02
N UNK E 79 -3.97 -11.91 6.49
CA UNK E 79 -4.67 -11.86 5.16
C UNK E 79 -6.08 -11.48 5.49
N UNK E 80 -6.76 -10.77 4.58
CA UNK E 80 -8.08 -10.26 4.85
C UNK E 80 -8.90 -10.47 3.63
N UNK E 81 -10.19 -10.59 3.85
CA UNK E 81 -11.19 -10.68 2.81
C UNK E 81 -12.22 -9.76 3.42
N UNK E 82 -12.31 -8.52 2.89
CA UNK E 82 -13.36 -7.58 3.26
C UNK E 82 -14.46 -7.91 2.25
N UNK E 83 -15.68 -7.90 2.74
CA UNK E 83 -16.80 -8.35 1.95
C UNK E 83 -17.93 -7.33 2.07
N UNK E 84 -18.31 -6.73 0.96
CA UNK E 84 -19.44 -5.83 1.03
C UNK E 84 -20.50 -6.38 0.10
N UNK E 85 -21.74 -6.02 0.45
CA UNK E 85 -22.98 -6.42 -0.20
C UNK E 85 -23.17 -7.90 -0.23
N UNK E 86 -23.29 -8.39 0.99
CA UNK E 86 -23.53 -9.77 1.21
C UNK E 86 -24.92 -10.13 0.68
N UNK E 87 -24.79 -10.90 -0.40
CA UNK E 87 -25.90 -11.59 -1.02
C UNK E 87 -26.12 -12.84 -0.20
N UNK E 88 -27.34 -13.32 0.12
CA UNK E 88 -27.58 -14.58 0.84
C UNK E 88 -26.88 -15.78 0.21
N UNK E 89 -26.49 -15.77 -1.05
CA UNK E 89 -25.79 -16.82 -1.69
C UNK E 89 -24.43 -17.04 -1.06
N UNK E 90 -23.94 -15.95 -0.42
CA UNK E 90 -22.66 -15.84 0.30
C UNK E 90 -22.53 -16.50 1.67
N UNK E 91 -23.61 -17.06 2.22
CA UNK E 91 -23.64 -17.95 3.39
C UNK E 91 -22.80 -19.17 3.07
N UNK E 92 -21.53 -19.06 3.39
CA UNK E 92 -20.62 -20.18 3.29
C UNK E 92 -19.60 -20.19 4.43
N UNK E 93 -18.72 -21.19 4.47
CA UNK E 93 -17.71 -21.47 5.52
C UNK E 93 -16.46 -21.07 4.77
N UNK E 94 -15.70 -20.09 5.24
CA UNK E 94 -14.58 -19.53 4.49
C UNK E 94 -13.21 -20.02 4.94
N UNK E 95 -12.36 -20.48 3.98
CA UNK E 95 -11.01 -21.02 4.30
C UNK E 95 -9.83 -20.29 3.67
N UNK E 96 -8.78 -20.09 4.46
CA UNK E 96 -7.56 -19.39 4.09
C UNK E 96 -6.58 -20.45 3.69
N UNK E 97 -6.16 -20.41 2.44
CA UNK E 97 -5.37 -21.46 1.84
C UNK E 97 -4.01 -20.90 1.45
N UNK E 98 -2.89 -21.60 1.67
CA UNK E 98 -1.61 -21.03 1.24
C UNK E 98 -1.58 -21.49 -0.22
N UNK E 99 -1.47 -20.55 -1.17
CA UNK E 99 -1.70 -20.90 -2.57
C UNK E 99 -0.53 -21.36 -3.37
N UNK E 100 0.62 -20.90 -2.90
CA UNK E 100 1.80 -21.08 -3.69
C UNK E 100 3.03 -21.44 -2.87
N UNK E 101 3.89 -22.29 -3.47
CA UNK E 101 5.19 -22.63 -2.91
C UNK E 101 6.21 -22.75 -4.03
N UNK E 102 6.63 -23.89 -4.55
CA UNK E 102 7.65 -23.85 -5.61
C UNK E 102 7.08 -23.68 -7.00
N UNK E 103 5.80 -23.96 -7.05
CA UNK E 103 5.15 -24.06 -8.30
C UNK E 103 3.68 -24.10 -8.06
N UNK E 104 2.97 -24.58 -9.06
CA UNK E 104 1.55 -24.73 -8.92
C UNK E 104 1.42 -26.22 -8.70
N UNK E 105 0.84 -26.47 -7.52
CA UNK E 105 0.83 -27.76 -6.89
C UNK E 105 -0.40 -27.95 -5.99
N UNK E 106 -1.53 -27.41 -6.47
CA UNK E 106 -2.74 -27.55 -5.67
C UNK E 106 -2.75 -26.41 -4.68
N UNK E 107 -3.58 -26.59 -3.70
CA UNK E 107 -3.81 -25.72 -2.58
C UNK E 107 -3.40 -26.68 -1.45
N UNK E 108 -2.15 -26.78 -0.97
CA UNK E 108 -1.85 -27.68 0.14
C UNK E 108 -1.76 -26.75 1.31
N UNK E 109 -2.12 -27.18 2.49
CA UNK E 109 -2.21 -26.36 3.68
C UNK E 109 -3.38 -25.40 3.46
N UNK E 110 -4.46 -25.76 4.13
CA UNK E 110 -5.70 -25.07 4.14
C UNK E 110 -5.93 -24.72 5.59
N UNK E 111 -6.53 -23.58 5.85
CA UNK E 111 -6.87 -23.18 7.18
C UNK E 111 -8.05 -24.02 7.65
N UNK E 112 -8.53 -23.52 8.78
CA UNK E 112 -9.58 -24.23 9.39
C UNK E 112 -11.01 -23.69 9.16
N UNK E 113 -11.27 -22.43 8.81
CA UNK E 113 -12.64 -21.90 8.59
C UNK E 113 -13.28 -20.93 9.61
N UNK E 114 -14.20 -20.14 9.10
CA UNK E 114 -15.06 -19.29 9.91
C UNK E 114 -16.33 -19.31 9.11
N UNK E 115 -17.48 -19.41 9.74
CA UNK E 115 -18.72 -19.45 8.96
C UNK E 115 -19.29 -18.04 8.82
N UNK E 116 -19.95 -17.78 7.70
CA UNK E 116 -20.69 -16.54 7.55
C UNK E 116 -22.11 -17.01 7.34
N UNK E 117 -23.00 -16.33 8.01
CA UNK E 117 -24.40 -16.67 7.89
C UNK E 117 -25.02 -15.34 7.51
N UNK E 118 -25.42 -15.19 6.24
CA UNK E 118 -26.09 -13.97 5.79
C UNK E 118 -27.54 -14.30 5.93
N UNK E 119 -28.16 -13.75 6.96
CA UNK E 119 -29.57 -13.94 7.09
C UNK E 119 -30.12 -12.80 7.87
N UNK E 120 -31.30 -12.44 7.39
CA UNK E 120 -32.07 -11.39 8.00
C UNK E 120 -32.76 -11.89 9.26
N UNK E 121 -31.73 -12.65 8.83
CA UNK E 121 -32.40 -13.15 10.05
C UNK E 121 -31.38 -12.99 11.14
N UNK E 122 -31.72 -12.70 12.40
CA UNK E 122 -30.69 -12.59 13.40
C UNK E 122 -31.06 -13.50 14.52
N UNK E 123 -29.94 -13.87 15.11
CA UNK E 123 -29.79 -14.78 16.20
C UNK E 123 -31.03 -15.16 16.97
N UNK E 124 -31.51 -16.33 16.65
CA UNK E 124 -32.57 -16.82 17.47
C UNK E 124 -32.08 -18.02 18.29
N UNK E 125 -32.46 -18.10 19.54
CA UNK E 125 -32.11 -19.21 20.40
C UNK E 125 -32.83 -20.54 20.05
N UNK E 126 -32.47 -21.73 20.55
CA UNK E 126 -33.06 -23.02 20.17
C UNK E 126 -34.15 -23.63 21.04
N UNK E 127 -35.23 -24.20 20.58
CA UNK E 127 -36.21 -24.77 21.50
C UNK E 127 -35.89 -26.23 21.49
N UNK E 128 -35.69 -26.77 22.66
CA UNK E 128 -35.33 -28.16 22.82
C UNK E 128 -36.49 -28.90 23.54
N UNK E 129 -36.99 -29.86 22.81
CA UNK E 129 -38.07 -30.66 23.25
C UNK E 129 -37.49 -32.05 23.40
N UNK E 130 -37.57 -32.68 24.55
CA UNK E 130 -37.35 -34.11 24.73
C UNK E 130 -38.25 -34.97 23.87
N UNK E 131 -37.65 -35.93 23.20
CA UNK E 131 -38.33 -36.89 22.37
C UNK E 131 -38.23 -38.14 23.22
N UNK E 132 -39.20 -38.38 24.06
CA UNK E 132 -39.25 -39.62 24.81
C UNK E 132 -40.23 -40.49 24.02
N UNK E 133 -40.29 -41.82 24.07
CA UNK E 133 -41.26 -42.57 23.31
C UNK E 133 -42.64 -42.57 23.93
N UNK E 134 -43.66 -42.85 23.08
CA UNK E 134 -44.98 -43.16 23.57
C UNK E 134 -44.89 -44.36 24.53
N UNK E 135 -45.99 -44.70 25.20
CA UNK E 135 -46.11 -45.88 26.06
C UNK E 135 -45.74 -47.19 25.29
N UNK E 136 -46.24 -47.37 24.06
CA UNK E 136 -46.04 -48.59 23.27
C UNK E 136 -44.64 -48.87 22.70
N UNK E 137 -43.60 -48.16 23.12
CA UNK E 137 -42.29 -48.38 22.52
C UNK E 137 -41.21 -48.91 23.47
N UNK E 138 -41.46 -49.03 24.77
CA UNK E 138 -40.45 -49.53 25.68
C UNK E 138 -40.46 -51.06 25.58
N UNK E 139 -39.52 -51.64 24.87
CA UNK E 139 -39.47 -53.09 24.67
C UNK E 139 -38.08 -53.57 24.27
N UNK E 140 -37.97 -54.87 23.96
CA UNK E 140 -36.75 -55.53 23.50
C UNK E 140 -35.56 -55.41 24.45
N UNK E 141 -34.49 -54.63 24.21
CA UNK E 141 -33.36 -54.52 25.13
C UNK E 141 -32.72 -53.12 24.98
N UNK E 142 -32.44 -52.64 23.76
CA UNK E 142 -31.98 -51.26 23.59
C UNK E 142 -33.25 -50.47 23.31
N UNK E 143 -33.25 -49.18 23.61
CA UNK E 143 -34.43 -48.32 23.65
C UNK E 143 -33.88 -47.01 23.16
N UNK E 144 -34.34 -46.48 22.01
CA UNK E 144 -33.82 -45.21 21.45
C UNK E 144 -34.55 -44.00 22.01
N UNK E 145 -33.87 -42.93 22.32
CA UNK E 145 -34.45 -41.74 22.93
C UNK E 145 -33.95 -40.56 22.09
N UNK E 146 -34.56 -39.37 22.14
CA UNK E 146 -34.15 -38.32 21.20
C UNK E 146 -34.24 -36.94 21.75
N UNK E 147 -33.76 -35.95 20.98
CA UNK E 147 -33.72 -34.53 21.33
C UNK E 147 -34.09 -33.70 20.10
N UNK E 148 -35.16 -32.87 20.19
CA UNK E 148 -35.65 -32.02 19.12
C UNK E 148 -35.25 -30.60 19.40
N UNK E 149 -34.32 -30.03 18.62
CA UNK E 149 -33.86 -28.64 18.82
C UNK E 149 -34.61 -27.90 17.75
N UNK E 150 -35.26 -26.78 17.94
CA UNK E 150 -35.99 -26.17 16.86
C UNK E 150 -35.51 -24.76 16.70
N UNK E 151 -35.84 -24.26 15.52
CA UNK E 151 -35.70 -22.90 15.02
C UNK E 151 -34.87 -22.01 15.83
N UNK E 152 -33.63 -22.00 15.37
CA UNK E 152 -32.52 -21.26 15.93
C UNK E 152 -31.81 -20.73 14.70
N UNK E 153 -30.93 -19.76 14.91
CA UNK E 153 -30.13 -19.09 13.90
C UNK E 153 -29.07 -18.30 14.69
N UNK E 154 -27.79 -18.09 14.21
CA UNK E 154 -27.12 -18.89 13.14
C UNK E 154 -26.78 -20.32 13.53
N UNK E 155 -26.20 -21.06 12.60
CA UNK E 155 -25.72 -22.40 12.89
C UNK E 155 -24.41 -22.12 13.62
N UNK E 156 -24.08 -22.74 14.80
CA UNK E 156 -24.40 -24.12 15.22
C UNK E 156 -25.05 -24.33 16.51
N UNK E 157 -25.54 -25.53 16.75
CA UNK E 157 -25.82 -26.00 18.11
C UNK E 157 -24.94 -27.25 18.33
N UNK E 158 -24.34 -27.48 19.50
CA UNK E 158 -23.65 -28.73 19.78
C UNK E 158 -24.49 -29.58 20.72
N UNK E 159 -25.06 -30.71 20.26
CA UNK E 159 -25.86 -31.57 21.13
C UNK E 159 -24.86 -32.60 21.70
N UNK E 160 -24.98 -32.81 23.01
CA UNK E 160 -24.16 -33.69 23.79
C UNK E 160 -25.20 -34.48 24.59
N UNK E 161 -24.98 -35.79 24.86
CA UNK E 161 -25.87 -36.46 25.79
C UNK E 161 -25.04 -36.83 27.04
N UNK E 162 -25.63 -36.45 28.17
CA UNK E 162 -25.14 -36.65 29.53
C UNK E 162 -23.76 -36.06 29.75
N UNK E 163 -23.64 -34.79 29.42
CA UNK E 163 -22.41 -34.01 29.52
C UNK E 163 -21.17 -34.71 28.97
N UNK E 164 -21.32 -35.69 28.08
CA UNK E 164 -20.19 -36.44 27.57
C UNK E 164 -20.51 -37.92 27.59
N UNK E 165 -20.90 -38.51 28.75
CA UNK E 165 -21.11 -39.94 28.91
C UNK E 165 -21.71 -40.76 27.75
N UNK E 166 -22.91 -40.49 27.24
CA UNK E 166 -23.50 -41.40 26.26
C UNK E 166 -23.10 -40.91 24.88
N UNK E 167 -21.81 -41.12 24.67
CA UNK E 167 -21.10 -40.76 23.46
C UNK E 167 -21.07 -41.94 22.53
N UNK E 168 -21.83 -42.96 22.94
CA UNK E 168 -21.86 -44.31 22.37
C UNK E 168 -22.86 -44.28 21.23
N UNK E 169 -23.87 -45.13 21.05
CA UNK E 169 -24.76 -45.06 19.90
C UNK E 169 -25.67 -43.82 19.82
N UNK E 170 -25.08 -42.63 19.60
CA UNK E 170 -25.77 -41.39 19.43
C UNK E 170 -25.44 -40.95 18.04
N UNK E 171 -26.56 -40.66 17.32
CA UNK E 171 -26.67 -40.16 15.96
C UNK E 171 -27.19 -38.76 16.01
N UNK E 172 -26.43 -37.84 15.45
CA UNK E 172 -26.93 -36.47 15.38
C UNK E 172 -26.96 -36.08 13.91
N UNK E 173 -28.17 -35.77 13.50
CA UNK E 173 -28.45 -35.52 12.11
C UNK E 173 -28.16 -34.10 11.71
N UNK E 174 -27.71 -33.88 10.47
CA UNK E 174 -27.58 -32.57 9.79
C UNK E 174 -28.71 -31.53 9.91
N UNK E 175 -28.32 -30.25 10.11
CA UNK E 175 -29.32 -29.22 10.35
C UNK E 175 -30.10 -28.92 9.07
N UNK E 176 -31.34 -28.46 9.11
CA UNK E 176 -32.06 -28.14 7.87
C UNK E 176 -32.85 -26.81 8.08
N UNK E 177 -33.04 -25.97 7.04
CA UNK E 177 -33.84 -24.72 7.16
C UNK E 177 -35.32 -24.87 6.99
N UNK E 178 -36.00 -25.12 8.07
CA UNK E 178 -37.46 -25.08 8.07
C UNK E 178 -37.49 -23.55 8.00
N UNK E 179 -38.00 -22.91 6.94
CA UNK E 179 -38.22 -21.48 6.98
C UNK E 179 -37.04 -20.60 7.30
N UNK E 180 -35.88 -20.42 6.65
CA UNK E 180 -34.77 -19.61 7.27
C UNK E 180 -34.44 -19.64 8.83
N UNK E 181 -34.74 -20.72 9.59
CA UNK E 181 -34.35 -20.84 10.97
C UNK E 181 -34.31 -22.33 11.12
N UNK E 182 -33.13 -22.83 11.57
CA UNK E 182 -32.88 -24.30 11.60
C UNK E 182 -33.63 -25.32 12.48
N UNK E 183 -33.84 -26.55 12.01
CA UNK E 183 -34.11 -27.66 12.97
C UNK E 183 -32.92 -28.64 13.03
N UNK E 184 -32.75 -29.40 14.11
CA UNK E 184 -31.64 -30.31 14.32
C UNK E 184 -32.09 -31.41 15.28
N UNK E 185 -32.06 -32.70 14.97
CA UNK E 185 -32.40 -33.72 15.97
C UNK E 185 -31.18 -34.61 16.32
N UNK E 186 -31.18 -35.29 17.47
CA UNK E 186 -30.11 -36.14 17.91
C UNK E 186 -30.79 -37.31 18.57
N UNK E 187 -30.55 -38.58 18.26
CA UNK E 187 -31.07 -39.75 19.02
C UNK E 187 -30.04 -40.56 19.84
N UNK E 188 -30.18 -41.13 21.08
CA UNK E 188 -29.20 -42.03 21.76
C UNK E 188 -29.89 -43.35 21.93
N UNK E 189 -29.28 -44.49 21.64
CA UNK E 189 -29.89 -45.79 22.02
C UNK E 189 -29.44 -46.15 23.45
N UNK E 190 -30.34 -46.67 24.26
CA UNK E 190 -30.03 -46.91 25.66
C UNK E 190 -30.49 -48.29 26.05
N UNK E 191 -29.90 -49.07 26.98
CA UNK E 191 -30.53 -50.30 27.42
C UNK E 191 -31.74 -49.91 28.22
N UNK E 192 -32.87 -50.60 28.09
CA UNK E 192 -33.99 -50.28 28.94
C UNK E 192 -33.71 -50.96 30.23
N UNK E 193 -33.54 -50.06 31.19
CA UNK E 193 -33.26 -50.34 32.61
C UNK E 193 -32.59 -49.02 32.95
N UNK E 194 -31.44 -48.80 32.28
CA UNK E 194 -30.63 -47.60 32.29
C UNK E 194 -31.67 -46.50 32.31
N UNK E 195 -32.57 -46.41 31.34
CA UNK E 195 -33.68 -45.51 31.45
C UNK E 195 -34.86 -46.42 31.68
N UNK E 196 -35.92 -46.04 32.41
CA UNK E 196 -36.07 -44.77 33.16
C UNK E 196 -35.30 -44.57 34.44
N UNK E 197 -34.72 -45.62 34.99
CA UNK E 197 -34.08 -45.53 36.28
C UNK E 197 -32.92 -44.54 36.37
N UNK E 198 -32.27 -44.23 35.25
CA UNK E 198 -31.07 -43.41 35.21
C UNK E 198 -31.44 -42.31 34.24
N UNK E 199 -31.09 -41.09 34.62
CA UNK E 199 -31.50 -39.88 33.93
C UNK E 199 -30.81 -39.60 32.62
N UNK E 200 -31.42 -39.79 31.46
CA UNK E 200 -30.75 -39.35 30.23
C UNK E 200 -31.04 -37.88 30.02
N UNK E 201 -29.99 -37.08 29.92
CA UNK E 201 -30.12 -35.65 29.75
C UNK E 201 -29.46 -35.17 28.46
N UNK E 202 -30.06 -34.13 27.83
CA UNK E 202 -29.66 -33.58 26.54
C UNK E 202 -29.02 -32.23 26.76
N UNK E 203 -27.81 -32.11 26.26
CA UNK E 203 -27.00 -30.91 26.48
C UNK E 203 -26.98 -30.18 25.17
N UNK E 204 -27.62 -29.02 25.13
CA UNK E 204 -27.80 -28.28 23.87
C UNK E 204 -27.11 -26.96 24.00
N UNK E 205 -26.09 -26.71 23.18
CA UNK E 205 -25.37 -25.45 23.29
C UNK E 205 -25.44 -24.70 22.02
N UNK E 206 -25.90 -23.45 22.12
CA UNK E 206 -25.96 -22.60 20.93
C UNK E 206 -25.02 -21.44 21.23
N UNK E 207 -23.76 -21.56 20.76
CA UNK E 207 -22.70 -20.58 20.89
C UNK E 207 -23.22 -19.18 20.66
N UNK E 208 -23.68 -18.92 19.44
CA UNK E 208 -24.21 -17.63 19.05
C UNK E 208 -25.16 -16.87 20.00
N UNK E 209 -26.20 -17.48 20.60
CA UNK E 209 -27.04 -16.71 21.47
C UNK E 209 -26.70 -16.87 22.97
N UNK E 210 -25.56 -17.48 23.33
CA UNK E 210 -25.15 -17.64 24.70
C UNK E 210 -26.21 -18.42 25.48
N UNK E 211 -26.58 -19.56 24.88
CA UNK E 211 -27.59 -20.48 25.39
C UNK E 211 -26.91 -21.84 25.59
N UNK E 212 -27.21 -22.49 26.74
CA UNK E 212 -26.99 -23.93 26.95
C UNK E 212 -28.36 -24.34 27.49
N UNK E 213 -28.96 -25.46 27.13
CA UNK E 213 -30.32 -25.77 27.54
C UNK E 213 -30.20 -27.24 27.80
N UNK E 214 -30.67 -27.68 28.97
CA UNK E 214 -30.60 -29.10 29.27
C UNK E 214 -31.98 -29.60 29.59
N UNK E 215 -32.38 -30.55 28.78
CA UNK E 215 -33.67 -31.14 28.98
C UNK E 215 -33.47 -32.59 29.40
N UNK E 216 -34.20 -32.98 30.40
CA UNK E 216 -34.22 -34.35 30.86
C UNK E 216 -35.23 -35.11 30.00
N UNK E 217 -35.00 -36.38 29.74
CA UNK E 217 -36.02 -37.25 29.18
C UNK E 217 -36.67 -38.08 30.34
N UNK E 218 -37.95 -37.74 30.53
CA UNK E 218 -38.91 -38.20 31.54
C UNK E 218 -40.04 -38.84 30.75
N UNK E 219 -40.49 -40.06 31.05
CA UNK E 219 -41.35 -40.87 30.20
C UNK E 219 -42.88 -40.73 30.10
N UNK E 220 -43.42 -41.41 29.04
CA UNK E 220 -44.82 -41.83 28.77
C UNK E 220 -45.34 -41.62 27.36
#